data_9KUE
#
_entry.id   9KUE
#
_cell.length_a   47.570
_cell.length_b   87.256
_cell.length_c   167.609
_cell.angle_alpha   90.00
_cell.angle_beta   90.00
_cell.angle_gamma   90.00
#
_symmetry.space_group_name_H-M   'P 21 21 21'
#
loop_
_entity.id
_entity.type
_entity.pdbx_description
1 polymer 'Dibilinoxanthinin (DBXN)'
2 polymer 'Dibilinoxanthinin (DBXN)'
3 polymer 'Dibilinoxanthinin (DBXN)'
4 non-polymer "(3R,3'R,6S)-4,5-DIDEHYDRO-5,6-DIHYDRO-BETA,BETA-CAROTENE-3,3'-DIOL"
5 non-polymer 'AZIDE ION'
6 non-polymer 'DIUNDECYL PHOSPHATIDYL CHOLINE'
7 non-polymer '3-[5-[(~{Z})-(3-ethyl-4-methyl-5-oxidanylidene-pyrrol-2-ylidene)methyl]-2-[(~{Z})-[4-(hydroxymethyl)-3-(3-hydroxy-3-oxopropyl)-5-[(~{Z})-[3-methyl-5-oxidanylidene-4-[(1~{S},4~{E},8~{Z})-5,9,13-trimethyl-1-oxidanyl-tetradeca-4,8,12-trienyl]pyrrol-2-ylidene]methyl]pyrrol-2-ylidene]methyl]-4-methyl-1~{H}-pyrrol-3-yl]propanoic acid'
8 water water
#
loop_
_entity_poly.entity_id
_entity_poly.type
_entity_poly.pdbx_seq_one_letter_code
_entity_poly.pdbx_strand_id
1 'polypeptide(L)'
;QGSQVEFSMKMTGGEIPGGNIVLQGVKLRIVGEWVLKGSSGESVRRTDVKVDITSTAGNQDNSFAIQLANYAHNKPNTKW
(CSD)ALLTKKYPERKPDVLAFGWGNEQVDSKASVTIG
;
A,D
2 'polypeptide(L)' SVTITINQKGEITEEQKQRAQGDDWPYGQCKEDQKKSEWKDSDFLPNTQACYIGSILLTTARKTTYS B,E
3 'polypeptide(L)'
;GASSVDDYNPAFDNTHYSRFHLLIETNGITKPCIVSTENVYTPDNATVPHKQGSDYVLVAGLAGDPNRFSAYTRSQGGSK
PLVVKLVNDGVTLELTRDGASINGKAVSVEKGVQYPQDDPNYAIRVWKSGDLVMAYSRRTAVYAYYTGTAVDVEQPVTYR
GRATGLCGNLNG
;
C,F
#
loop_
_chem_comp.id
_chem_comp.type
_chem_comp.name
_chem_comp.formula
A1L6M non-polymer '3-[5-[(~{Z})-(3-ethyl-4-methyl-5-oxidanylidene-pyrrol-2-ylidene)methyl]-2-[(~{Z})-[4-(hydroxymethyl)-3-(3-hydroxy-3-oxopropyl)-5-[(~{Z})-[3-methyl-5-oxidanylidene-4-[(1~{S},4~{E},8~{Z})-5,9,13-trimethyl-1-oxidanyl-tetradeca-4,8,12-trienyl]pyrrol-2-ylidene]methyl]pyrrol-2-ylidene]methyl]-4-methyl-1~{H}-pyrrol-3-yl]propanoic acid' 'C48 H62 N4 O8'
AZI non-polymer 'AZIDE ION' 'N3 -1'
LUT non-polymer (3R,3'R,6S)-4,5-DIDEHYDRO-5,6-DIHYDRO-BETA,BETA-CAROTENE-3,3'-DIOL 'C40 H56 O2'
PLC non-polymer 'DIUNDECYL PHOSPHATIDYL CHOLINE' 'C32 H65 N O8 P 1'
#
# COMPACT_ATOMS: atom_id res chain seq x y z
N GLY A 2 26.43 -9.92 6.68
CA GLY A 2 24.97 -9.75 6.61
C GLY A 2 24.21 -10.93 7.22
N SER A 3 22.94 -10.71 7.58
CA SER A 3 22.10 -11.70 8.23
C SER A 3 21.36 -12.58 7.21
N GLN A 4 21.22 -13.87 7.55
CA GLN A 4 20.41 -14.84 6.84
C GLN A 4 19.13 -15.17 7.60
N VAL A 5 18.06 -15.55 6.88
CA VAL A 5 16.74 -15.79 7.45
C VAL A 5 16.21 -17.17 7.02
N GLU A 6 15.60 -17.89 7.98
CA GLU A 6 14.83 -19.11 7.75
C GLU A 6 13.49 -18.94 8.48
N PHE A 7 12.41 -18.76 7.73
CA PHE A 7 11.08 -18.56 8.27
C PHE A 7 10.20 -19.68 7.75
N SER A 8 9.88 -20.63 8.63
CA SER A 8 8.85 -21.64 8.38
C SER A 8 7.52 -21.11 8.90
N MET A 9 6.44 -21.25 8.13
CA MET A 9 5.11 -20.92 8.65
C MET A 9 4.04 -21.81 8.02
N LYS A 10 2.92 -21.96 8.75
CA LYS A 10 1.72 -22.66 8.31
C LYS A 10 0.55 -21.68 8.45
N MET A 11 -0.17 -21.41 7.35
CA MET A 11 -1.35 -20.54 7.37
C MET A 11 -2.56 -21.45 7.28
N THR A 12 -3.48 -21.35 8.25
CA THR A 12 -4.79 -21.98 8.20
C THR A 12 -5.86 -20.89 8.26
N GLY A 13 -7.11 -21.26 7.98
CA GLY A 13 -8.21 -20.33 7.94
C GLY A 13 -9.17 -20.67 6.82
N GLY A 14 -9.98 -19.68 6.49
CA GLY A 14 -11.06 -19.89 5.55
C GLY A 14 -12.05 -18.73 5.53
N GLU A 15 -13.05 -18.89 4.68
CA GLU A 15 -14.08 -17.88 4.50
C GLU A 15 -15.06 -17.91 5.69
N ILE A 16 -15.63 -16.76 6.06
CA ILE A 16 -16.67 -16.59 7.07
C ILE A 16 -18.01 -16.76 6.34
N PRO A 17 -19.05 -17.46 6.89
CA PRO A 17 -20.38 -17.47 6.26
C PRO A 17 -21.06 -16.12 6.20
N GLY A 18 -22.00 -15.95 5.27
CA GLY A 18 -22.97 -14.87 5.29
C GLY A 18 -22.52 -13.67 4.47
N GLY A 19 -23.45 -12.73 4.25
CA GLY A 19 -23.17 -11.47 3.62
C GLY A 19 -22.79 -11.67 2.16
N ASN A 20 -22.03 -10.74 1.65
CA ASN A 20 -21.67 -10.74 0.25
C ASN A 20 -20.55 -11.75 0.02
N ILE A 21 -20.87 -12.95 -0.48
CA ILE A 21 -19.91 -14.02 -0.72
C ILE A 21 -19.00 -13.73 -1.91
N VAL A 22 -19.40 -12.82 -2.80
CA VAL A 22 -18.52 -12.34 -3.85
C VAL A 22 -17.30 -11.68 -3.20
N LEU A 23 -17.50 -10.91 -2.10
CA LEU A 23 -16.42 -10.36 -1.27
C LEU A 23 -16.43 -11.03 0.11
N GLN A 24 -16.41 -12.36 0.12
CA GLN A 24 -16.67 -13.12 1.32
C GLN A 24 -15.64 -12.79 2.42
N GLY A 25 -16.12 -12.69 3.67
CA GLY A 25 -15.22 -12.48 4.77
C GLY A 25 -14.24 -13.65 4.94
N VAL A 26 -13.10 -13.39 5.56
CA VAL A 26 -12.03 -14.38 5.75
C VAL A 26 -11.53 -14.30 7.18
N LYS A 27 -11.02 -15.42 7.67
CA LYS A 27 -10.16 -15.45 8.83
C LYS A 27 -8.95 -16.32 8.51
N LEU A 28 -7.80 -15.91 9.07
CA LEU A 28 -6.51 -16.54 8.80
C LEU A 28 -5.74 -16.65 10.13
N ARG A 29 -5.04 -17.77 10.32
CA ARG A 29 -4.12 -17.99 11.43
C ARG A 29 -2.77 -18.37 10.82
N ILE A 30 -1.71 -17.58 11.08
CA ILE A 30 -0.33 -17.92 10.74
C ILE A 30 0.37 -18.30 12.04
N VAL A 31 1.01 -19.47 12.03
CA VAL A 31 1.94 -19.89 13.06
C VAL A 31 3.25 -20.18 12.35
N GLY A 32 4.37 -19.81 12.99
CA GLY A 32 5.69 -20.15 12.46
C GLY A 32 6.84 -19.68 13.35
N GLU A 33 8.06 -19.96 12.88
CA GLU A 33 9.30 -19.65 13.58
C GLU A 33 10.20 -18.89 12.60
N TRP A 34 10.64 -17.71 13.02
CA TRP A 34 11.54 -16.83 12.28
C TRP A 34 12.93 -16.94 12.92
N VAL A 35 13.92 -17.42 12.16
CA VAL A 35 15.27 -17.61 12.66
C VAL A 35 16.18 -16.67 11.87
N LEU A 36 16.86 -15.72 12.55
CA LEU A 36 17.97 -14.97 11.98
C LEU A 36 19.30 -15.61 12.41
N LYS A 37 20.23 -15.75 11.46
CA LYS A 37 21.60 -16.20 11.68
C LYS A 37 22.56 -15.11 11.25
N GLY A 38 23.73 -15.04 11.91
CA GLY A 38 24.85 -14.24 11.44
C GLY A 38 25.55 -14.86 10.23
N SER A 39 26.66 -14.23 9.81
CA SER A 39 27.58 -14.74 8.80
C SER A 39 28.14 -16.13 9.11
N SER A 40 28.63 -16.37 10.35
CA SER A 40 28.98 -17.71 10.82
C SER A 40 27.76 -18.62 11.01
N GLY A 41 26.60 -18.06 11.42
CA GLY A 41 25.43 -18.81 11.84
C GLY A 41 25.53 -19.36 13.27
N GLU A 42 26.48 -18.84 14.08
CA GLU A 42 26.75 -19.27 15.45
C GLU A 42 26.04 -18.38 16.48
N SER A 43 25.70 -17.11 16.12
CA SER A 43 24.69 -16.31 16.78
C SER A 43 23.35 -16.42 16.05
N VAL A 44 22.32 -16.90 16.77
CA VAL A 44 21.04 -17.34 16.23
C VAL A 44 19.96 -16.67 17.08
N ARG A 45 18.95 -16.08 16.43
CA ARG A 45 17.80 -15.46 17.07
C ARG A 45 16.55 -16.17 16.55
N ARG A 46 15.84 -16.92 17.42
CA ARG A 46 14.59 -17.60 17.08
C ARG A 46 13.43 -16.81 17.70
N THR A 47 12.43 -16.48 16.87
CA THR A 47 11.21 -15.80 17.30
C THR A 47 10.00 -16.63 16.86
N ASP A 48 9.17 -17.09 17.82
CA ASP A 48 7.85 -17.67 17.54
C ASP A 48 6.91 -16.57 17.09
N VAL A 49 6.16 -16.85 16.00
CA VAL A 49 5.31 -15.91 15.29
C VAL A 49 3.91 -16.48 15.32
N LYS A 50 2.96 -15.70 15.84
CA LYS A 50 1.53 -15.99 15.74
C LYS A 50 0.84 -14.74 15.18
N VAL A 51 0.11 -14.90 14.04
CA VAL A 51 -0.65 -13.84 13.39
C VAL A 51 -2.09 -14.31 13.25
N ASP A 52 -3.06 -13.48 13.68
CA ASP A 52 -4.50 -13.75 13.51
C ASP A 52 -5.13 -12.60 12.76
N ILE A 53 -5.76 -12.91 11.61
CA ILE A 53 -6.38 -11.90 10.75
C ILE A 53 -7.86 -12.27 10.60
N THR A 54 -8.72 -11.27 10.73
CA THR A 54 -10.10 -11.29 10.28
C THR A 54 -10.30 -10.10 9.36
N SER A 55 -10.99 -10.32 8.24
CA SER A 55 -11.60 -9.27 7.42
C SER A 55 -13.00 -9.75 7.01
N THR A 56 -14.08 -9.12 7.49
CA THR A 56 -15.44 -9.55 7.19
C THR A 56 -15.81 -9.17 5.75
N ALA A 57 -17.04 -9.55 5.33
CA ALA A 57 -17.46 -9.45 3.95
C ALA A 57 -17.32 -8.00 3.52
N GLY A 58 -16.77 -7.84 2.31
CA GLY A 58 -16.43 -6.53 1.76
C GLY A 58 -15.37 -5.76 2.55
N ASN A 59 -14.54 -6.45 3.36
CA ASN A 59 -13.57 -5.83 4.26
C ASN A 59 -14.15 -4.78 5.23
N GLN A 60 -15.37 -5.01 5.68
CA GLN A 60 -16.02 -4.04 6.54
C GLN A 60 -15.31 -3.97 7.89
N ASP A 61 -15.11 -5.11 8.56
CA ASP A 61 -14.48 -5.19 9.88
C ASP A 61 -13.16 -5.97 9.80
N ASN A 62 -12.07 -5.34 10.26
CA ASN A 62 -10.70 -5.80 9.99
C ASN A 62 -9.97 -5.86 11.34
N SER A 63 -9.25 -6.97 11.56
CA SER A 63 -8.48 -7.20 12.76
C SER A 63 -7.16 -7.88 12.38
N PHE A 64 -6.02 -7.38 12.88
CA PHE A 64 -4.69 -7.94 12.71
C PHE A 64 -4.03 -8.03 14.09
N ALA A 65 -3.71 -9.24 14.55
CA ALA A 65 -3.10 -9.49 15.85
C ALA A 65 -1.80 -10.21 15.61
N ILE A 66 -0.69 -9.73 16.16
CA ILE A 66 0.63 -10.38 16.03
C ILE A 66 1.22 -10.57 17.43
N GLN A 67 1.63 -11.80 17.76
CA GLN A 67 2.36 -12.13 18.99
C GLN A 67 3.74 -12.68 18.60
N LEU A 68 4.82 -12.06 19.11
CA LEU A 68 6.20 -12.45 18.88
C LEU A 68 6.82 -12.84 20.22
N ALA A 69 7.52 -14.00 20.26
CA ALA A 69 8.17 -14.52 21.46
C ALA A 69 9.58 -14.99 21.09
N ASN A 70 10.63 -14.45 21.76
CA ASN A 70 11.88 -15.18 22.01
C ASN A 70 11.67 -15.99 23.29
N THR A 78 11.87 -10.59 25.21
CA THR A 78 11.03 -11.74 25.63
C THR A 78 9.75 -11.80 24.78
N LYS A 79 8.79 -10.87 24.99
CA LYS A 79 7.43 -10.93 24.44
C LYS A 79 7.00 -9.54 23.94
N TRP A 80 6.24 -9.56 22.86
CA TRP A 80 5.84 -8.39 22.08
C TRP A 80 4.52 -8.77 21.40
N CSD A 81 3.45 -8.01 21.64
CA CSD A 81 2.17 -8.28 20.99
CB CSD A 81 1.29 -9.14 21.89
SG CSD A 81 0.23 -8.24 23.06
C CSD A 81 1.55 -6.96 20.51
O CSD A 81 1.86 -5.88 21.04
OD1 CSD A 81 -0.91 -7.61 22.29
OD2 CSD A 81 -0.34 -9.32 24.08
N ALA A 82 0.73 -7.09 19.44
CA ALA A 82 0.03 -5.97 18.83
C ALA A 82 -1.36 -6.45 18.40
N LEU A 83 -2.40 -5.65 18.70
CA LEU A 83 -3.73 -5.78 18.15
C LEU A 83 -4.06 -4.52 17.35
N LEU A 84 -4.36 -4.66 16.05
CA LEU A 84 -4.75 -3.56 15.17
C LEU A 84 -6.16 -3.86 14.64
N THR A 85 -7.12 -2.93 14.75
CA THR A 85 -8.50 -3.11 14.26
C THR A 85 -8.91 -1.90 13.41
N LYS A 86 -9.74 -2.13 12.37
CA LYS A 86 -10.22 -1.08 11.47
C LYS A 86 -11.64 -1.41 11.01
N LYS A 87 -12.57 -0.53 11.36
CA LYS A 87 -14.00 -0.75 11.21
C LYS A 87 -14.56 0.33 10.29
N TYR A 88 -15.16 -0.11 9.17
CA TYR A 88 -15.71 0.79 8.16
C TYR A 88 -17.22 0.82 8.36
N PRO A 89 -17.98 1.75 7.73
CA PRO A 89 -19.43 1.71 7.83
C PRO A 89 -20.04 0.58 6.99
N GLU A 90 -21.27 0.18 7.39
CA GLU A 90 -22.06 -0.80 6.66
C GLU A 90 -22.46 -0.19 5.30
N ARG A 91 -22.38 -0.98 4.22
CA ARG A 91 -22.64 -0.49 2.87
C ARG A 91 -24.13 -0.35 2.57
N LYS A 92 -24.43 0.26 1.40
CA LYS A 92 -25.75 0.30 0.78
C LYS A 92 -25.57 -0.11 -0.69
N PRO A 93 -26.66 -0.44 -1.43
CA PRO A 93 -26.53 -0.89 -2.83
C PRO A 93 -25.75 0.01 -3.78
N ASP A 94 -25.86 1.36 -3.65
CA ASP A 94 -25.17 2.30 -4.52
C ASP A 94 -23.85 2.78 -3.90
N VAL A 95 -22.73 2.23 -4.38
CA VAL A 95 -21.41 2.69 -3.97
C VAL A 95 -21.12 4.15 -4.36
N LEU A 96 -21.70 4.63 -5.49
CA LEU A 96 -21.47 5.99 -5.96
C LEU A 96 -22.15 7.06 -5.09
N ALA A 97 -23.15 6.72 -4.26
CA ALA A 97 -23.93 7.73 -3.54
C ALA A 97 -23.40 7.84 -2.11
N PHE A 98 -23.26 9.06 -1.60
CA PHE A 98 -22.87 9.32 -0.23
C PHE A 98 -23.95 8.81 0.74
N GLY A 99 -23.52 8.39 1.94
CA GLY A 99 -24.41 8.08 3.08
C GLY A 99 -24.37 6.62 3.50
N TRP A 100 -23.25 5.88 3.30
CA TRP A 100 -23.02 4.57 3.86
C TRP A 100 -22.80 4.70 5.36
N GLY A 101 -23.77 4.25 6.16
CA GLY A 101 -23.71 4.39 7.62
C GLY A 101 -23.42 5.82 8.08
N ASN A 102 -22.43 5.96 8.98
CA ASN A 102 -21.95 7.26 9.48
C ASN A 102 -20.72 7.79 8.72
N GLU A 103 -20.28 7.16 7.62
CA GLU A 103 -19.21 7.64 6.74
C GLU A 103 -17.92 7.90 7.51
N GLN A 104 -17.61 6.99 8.46
CA GLN A 104 -16.56 7.13 9.45
C GLN A 104 -15.78 5.82 9.52
N VAL A 105 -14.45 5.94 9.70
CA VAL A 105 -13.59 4.79 9.93
C VAL A 105 -13.09 4.86 11.37
N ASP A 106 -13.23 3.74 12.10
CA ASP A 106 -12.75 3.59 13.46
C ASP A 106 -11.57 2.63 13.53
N SER A 107 -10.41 3.13 13.96
CA SER A 107 -9.21 2.34 14.08
C SER A 107 -8.69 2.38 15.51
N LYS A 108 -8.09 1.25 15.92
CA LYS A 108 -7.42 1.10 17.20
C LYS A 108 -6.14 0.28 16.99
N ALA A 109 -5.05 0.68 17.67
CA ALA A 109 -3.78 -0.05 17.73
C ALA A 109 -3.31 -0.13 19.18
N SER A 110 -3.00 -1.34 19.66
CA SER A 110 -2.46 -1.58 21.00
C SER A 110 -1.18 -2.41 20.87
N VAL A 111 -0.08 -1.98 21.53
CA VAL A 111 1.19 -2.70 21.54
C VAL A 111 1.59 -2.90 23.00
N THR A 112 1.86 -4.16 23.41
CA THR A 112 2.28 -4.52 24.75
C THR A 112 3.62 -5.24 24.62
N ILE A 113 4.63 -4.72 25.33
CA ILE A 113 5.96 -5.29 25.45
C ILE A 113 6.05 -5.91 26.85
N GLY A 114 6.81 -7.01 26.97
CA GLY A 114 6.91 -7.77 28.21
C GLY A 114 5.64 -8.56 28.46
N SER B 1 3.66 -5.73 31.92
CA SER B 1 3.38 -5.05 30.63
C SER B 1 3.87 -3.60 30.67
N VAL B 2 4.33 -3.10 29.50
CA VAL B 2 4.24 -1.68 29.15
C VAL B 2 3.53 -1.61 27.79
N THR B 3 2.42 -0.87 27.80
CA THR B 3 1.22 -1.16 27.03
C THR B 3 0.75 0.21 26.59
N ILE B 4 0.84 0.52 25.28
CA ILE B 4 0.45 1.82 24.76
C ILE B 4 -0.56 1.64 23.63
N THR B 5 -1.54 2.55 23.60
CA THR B 5 -2.75 2.45 22.79
C THR B 5 -2.88 3.74 21.99
N ILE B 6 -3.32 3.61 20.72
CA ILE B 6 -3.70 4.72 19.85
C ILE B 6 -5.08 4.38 19.27
N ASN B 7 -6.07 5.26 19.49
CA ASN B 7 -7.33 5.28 18.76
C ASN B 7 -7.22 6.27 17.61
N GLN B 8 -7.95 5.94 16.54
CA GLN B 8 -7.99 6.75 15.35
C GLN B 8 -9.42 6.75 14.82
N LYS B 9 -9.86 7.95 14.43
CA LYS B 9 -11.11 8.19 13.75
C LYS B 9 -10.73 8.81 12.40
N GLY B 10 -11.22 8.24 11.29
CA GLY B 10 -11.13 8.82 9.95
C GLY B 10 -12.51 9.35 9.54
N GLU B 11 -12.55 10.60 9.06
CA GLU B 11 -13.75 11.25 8.59
C GLU B 11 -13.54 11.94 7.23
N ILE B 12 -14.67 12.30 6.59
CA ILE B 12 -14.73 13.10 5.37
C ILE B 12 -14.75 14.56 5.81
N THR B 13 -13.90 15.39 5.19
CA THR B 13 -13.82 16.84 5.41
C THR B 13 -15.06 17.57 4.86
N GLU B 14 -15.34 18.73 5.46
CA GLU B 14 -16.32 19.70 4.97
C GLU B 14 -16.03 20.15 3.55
N GLU B 15 -14.76 20.48 3.24
CA GLU B 15 -14.34 20.90 1.90
C GLU B 15 -14.76 19.86 0.85
N GLN B 16 -14.55 18.56 1.14
CA GLN B 16 -14.95 17.49 0.23
C GLN B 16 -16.47 17.50 0.02
N LYS B 17 -17.24 17.65 1.11
CA LYS B 17 -18.70 17.70 1.05
C LYS B 17 -19.22 18.94 0.29
N GLN B 18 -18.63 20.12 0.57
CA GLN B 18 -18.94 21.34 -0.18
C GLN B 18 -18.70 21.16 -1.68
N ARG B 19 -17.53 20.59 -2.05
CA ARG B 19 -17.18 20.33 -3.44
C ARG B 19 -18.20 19.39 -4.12
N ALA B 20 -18.64 18.32 -3.43
CA ALA B 20 -19.63 17.38 -3.96
C ALA B 20 -21.01 18.01 -4.15
N GLN B 21 -21.38 19.00 -3.31
CA GLN B 21 -22.64 19.72 -3.51
C GLN B 21 -22.57 20.79 -4.63
N GLY B 22 -21.37 21.22 -5.08
CA GLY B 22 -21.21 22.19 -6.16
C GLY B 22 -21.31 21.55 -7.56
N ASP B 23 -20.94 22.35 -8.59
CA ASP B 23 -21.06 22.05 -10.01
C ASP B 23 -19.72 21.99 -10.76
N ASP B 24 -18.57 22.05 -10.06
CA ASP B 24 -17.25 21.96 -10.69
C ASP B 24 -16.92 20.49 -10.96
N TRP B 25 -15.82 20.26 -11.71
CA TRP B 25 -15.46 18.92 -12.20
C TRP B 25 -15.13 18.03 -10.98
N PRO B 26 -15.60 16.77 -10.84
CA PRO B 26 -16.52 16.05 -11.75
C PRO B 26 -18.01 16.11 -11.42
N TYR B 27 -18.43 16.94 -10.43
CA TYR B 27 -19.76 16.85 -9.83
C TYR B 27 -20.79 17.44 -10.80
N GLY B 28 -20.44 18.50 -11.55
CA GLY B 28 -21.31 19.06 -12.58
C GLY B 28 -21.71 18.04 -13.64
N GLN B 29 -20.68 17.38 -14.24
CA GLN B 29 -20.94 16.34 -15.23
C GLN B 29 -21.84 15.24 -14.67
N CYS B 30 -21.59 14.82 -13.42
CA CYS B 30 -22.38 13.77 -12.76
C CYS B 30 -23.86 14.17 -12.68
N LYS B 31 -24.13 15.41 -12.21
CA LYS B 31 -25.48 15.98 -12.18
C LYS B 31 -26.14 16.04 -13.56
N GLU B 32 -25.39 16.38 -14.62
CA GLU B 32 -25.88 16.30 -16.01
C GLU B 32 -26.21 14.85 -16.41
N ASP B 33 -25.34 13.89 -16.02
CA ASP B 33 -25.56 12.47 -16.28
C ASP B 33 -26.85 11.98 -15.62
N GLN B 34 -27.19 12.50 -14.42
CA GLN B 34 -28.42 12.12 -13.71
C GLN B 34 -29.73 12.45 -14.46
N LYS B 35 -29.71 13.44 -15.37
CA LYS B 35 -30.88 13.80 -16.18
C LYS B 35 -30.93 13.08 -17.54
N LYS B 36 -29.86 12.40 -18.00
CA LYS B 36 -29.90 11.59 -19.22
C LYS B 36 -30.89 10.41 -19.10
N SER B 37 -31.52 10.05 -20.24
CA SER B 37 -32.50 8.98 -20.32
C SER B 37 -31.94 7.61 -19.93
N GLU B 38 -30.68 7.32 -20.29
CA GLU B 38 -30.07 6.02 -19.94
C GLU B 38 -29.89 5.84 -18.42
N TRP B 39 -29.80 6.94 -17.64
CA TRP B 39 -29.59 6.89 -16.20
C TRP B 39 -30.81 7.27 -15.35
N LYS B 40 -31.63 8.22 -15.78
CA LYS B 40 -32.54 8.93 -14.85
C LYS B 40 -33.57 8.03 -14.14
N ASP B 41 -34.01 6.90 -14.76
CA ASP B 41 -35.04 6.02 -14.20
C ASP B 41 -34.53 5.06 -13.11
N SER B 42 -33.23 5.02 -12.83
CA SER B 42 -32.60 4.16 -11.83
C SER B 42 -32.59 4.86 -10.47
N ASP B 43 -32.61 4.07 -9.39
CA ASP B 43 -32.25 4.55 -8.05
C ASP B 43 -30.75 4.81 -7.88
N PHE B 44 -29.90 4.19 -8.73
CA PHE B 44 -28.45 4.29 -8.67
C PHE B 44 -28.05 5.49 -9.52
N LEU B 45 -26.97 6.15 -9.09
CA LEU B 45 -26.39 7.25 -9.83
C LEU B 45 -25.74 6.71 -11.11
N PRO B 46 -25.55 7.56 -12.15
CA PRO B 46 -24.93 7.12 -13.39
C PRO B 46 -23.62 6.39 -13.19
N ASN B 47 -23.43 5.25 -13.86
CA ASN B 47 -22.14 4.56 -13.95
C ASN B 47 -21.29 5.27 -15.00
N THR B 48 -20.89 6.51 -14.69
CA THR B 48 -20.04 7.35 -15.53
C THR B 48 -18.73 7.62 -14.79
N GLN B 49 -17.69 7.97 -15.54
CA GLN B 49 -16.40 8.41 -14.99
C GLN B 49 -16.61 9.58 -14.03
N ALA B 50 -17.45 10.55 -14.42
CA ALA B 50 -17.73 11.73 -13.62
C ALA B 50 -18.22 11.34 -12.23
N CYS B 51 -19.28 10.54 -12.16
CA CYS B 51 -19.86 10.17 -10.87
C CYS B 51 -18.93 9.25 -10.06
N TYR B 52 -18.13 8.43 -10.73
CA TYR B 52 -17.23 7.49 -10.08
C TYR B 52 -16.05 8.21 -9.44
N ILE B 53 -15.36 9.09 -10.20
CA ILE B 53 -14.30 9.95 -9.68
C ILE B 53 -14.84 10.71 -8.46
N GLY B 54 -16.00 11.36 -8.63
CA GLY B 54 -16.60 12.17 -7.58
C GLY B 54 -16.86 11.36 -6.31
N SER B 55 -17.33 10.12 -6.50
CA SER B 55 -17.51 9.16 -5.42
C SER B 55 -16.19 8.90 -4.68
N ILE B 56 -15.11 8.56 -5.41
CA ILE B 56 -13.81 8.22 -4.79
C ILE B 56 -13.27 9.43 -3.98
N LEU B 57 -13.29 10.62 -4.62
CA LEU B 57 -12.83 11.85 -3.98
C LEU B 57 -13.61 12.15 -2.70
N LEU B 58 -14.93 12.03 -2.72
CA LEU B 58 -15.76 12.35 -1.56
C LEU B 58 -15.61 11.30 -0.44
N THR B 59 -15.35 10.01 -0.73
CA THR B 59 -15.33 8.96 0.29
C THR B 59 -13.94 8.73 0.90
N THR B 60 -12.94 9.53 0.49
CA THR B 60 -11.59 9.47 1.04
C THR B 60 -11.58 10.10 2.43
N ALA B 61 -11.15 9.35 3.47
CA ALA B 61 -11.24 9.82 4.86
C ALA B 61 -10.04 10.69 5.16
N ARG B 62 -10.07 11.94 4.68
CA ARG B 62 -8.94 12.86 4.80
C ARG B 62 -8.77 13.43 6.21
N LYS B 63 -9.83 13.47 7.03
CA LYS B 63 -9.78 14.05 8.37
C LYS B 63 -9.41 12.93 9.34
N THR B 64 -8.20 12.96 9.92
CA THR B 64 -7.74 11.98 10.89
C THR B 64 -7.57 12.61 12.29
N THR B 65 -8.20 12.02 13.33
CA THR B 65 -8.11 12.44 14.73
C THR B 65 -7.56 11.27 15.56
N TYR B 66 -6.49 11.51 16.35
CA TYR B 66 -5.91 10.53 17.25
C TYR B 66 -6.44 10.76 18.66
N SER B 67 -6.75 9.68 19.38
CA SER B 67 -7.09 9.76 20.81
C SER B 67 -6.65 8.46 21.50
N SER C 4 -9.65 11.30 -13.61
CA SER C 4 -9.01 11.62 -12.30
C SER C 4 -9.11 10.46 -11.29
N VAL C 5 -9.35 9.20 -11.76
CA VAL C 5 -9.37 8.01 -10.90
C VAL C 5 -8.00 7.77 -10.22
N ASP C 6 -6.89 7.97 -10.97
CA ASP C 6 -5.52 7.84 -10.49
C ASP C 6 -5.05 9.00 -9.58
N ASP C 7 -5.92 10.01 -9.24
CA ASP C 7 -5.80 10.86 -8.05
C ASP C 7 -6.32 10.21 -6.77
N TYR C 8 -6.65 8.91 -6.83
CA TYR C 8 -6.83 8.11 -5.63
C TYR C 8 -5.52 8.10 -4.83
N ASN C 9 -5.63 8.28 -3.52
CA ASN C 9 -4.53 8.22 -2.58
C ASN C 9 -4.84 7.07 -1.63
N PRO C 10 -4.22 5.88 -1.82
CA PRO C 10 -4.36 4.77 -0.87
C PRO C 10 -3.77 4.98 0.52
N ALA C 11 -2.98 6.05 0.77
CA ALA C 11 -2.57 6.39 2.12
C ALA C 11 -3.77 6.67 3.03
N PHE C 12 -4.88 7.17 2.46
CA PHE C 12 -6.10 7.44 3.21
C PHE C 12 -7.03 6.25 3.09
N ASP C 13 -7.61 5.91 4.26
CA ASP C 13 -8.75 5.02 4.32
C ASP C 13 -9.90 5.66 3.51
N ASN C 14 -10.64 4.83 2.79
CA ASN C 14 -11.79 5.23 2.02
C ASN C 14 -12.98 4.45 2.55
N THR C 15 -14.12 5.15 2.74
CA THR C 15 -15.30 4.53 3.33
C THR C 15 -16.04 3.61 2.38
N HIS C 16 -15.90 3.75 1.05
CA HIS C 16 -16.65 2.95 0.07
C HIS C 16 -15.79 1.95 -0.71
N TYR C 17 -14.45 2.16 -0.82
CA TYR C 17 -13.60 1.42 -1.75
C TYR C 17 -12.45 0.74 -1.02
N SER C 18 -12.00 -0.38 -1.58
CA SER C 18 -10.82 -1.09 -1.10
C SER C 18 -9.54 -0.58 -1.79
N ARG C 19 -8.41 -0.74 -1.12
CA ARG C 19 -7.10 -0.56 -1.71
C ARG C 19 -6.92 -1.51 -2.89
N PHE C 20 -7.25 -2.79 -2.66
CA PHE C 20 -7.15 -3.84 -3.66
C PHE C 20 -7.86 -3.45 -4.97
N HIS C 21 -9.15 -3.09 -4.94
CA HIS C 21 -9.93 -2.72 -6.12
C HIS C 21 -9.27 -1.53 -6.83
N LEU C 22 -9.16 -0.37 -6.16
CA LEU C 22 -8.67 0.85 -6.84
C LEU C 22 -7.20 0.72 -7.29
N LEU C 23 -6.33 -0.02 -6.57
CA LEU C 23 -4.95 -0.24 -7.01
C LEU C 23 -4.87 -1.14 -8.24
N ILE C 24 -5.64 -2.25 -8.31
CA ILE C 24 -5.67 -3.07 -9.53
C ILE C 24 -6.28 -2.29 -10.72
N GLU C 25 -7.25 -1.40 -10.44
CA GLU C 25 -7.93 -0.65 -11.46
C GLU C 25 -7.09 0.48 -12.02
N THR C 26 -6.48 1.29 -11.14
CA THR C 26 -5.60 2.39 -11.55
C THR C 26 -4.31 1.88 -12.18
N ASN C 27 -3.89 0.64 -11.90
CA ASN C 27 -2.73 0.06 -12.57
C ASN C 27 -3.09 -0.76 -13.80
N GLY C 28 -4.32 -0.69 -14.35
CA GLY C 28 -4.74 -1.36 -15.57
C GLY C 28 -4.68 -2.90 -15.53
N ILE C 29 -4.86 -3.51 -14.34
CA ILE C 29 -4.91 -4.97 -14.21
C ILE C 29 -6.34 -5.43 -14.56
N THR C 30 -7.34 -4.60 -14.19
CA THR C 30 -8.72 -4.77 -14.59
C THR C 30 -9.06 -3.79 -15.71
N LYS C 31 -10.09 -4.15 -16.49
CA LYS C 31 -10.52 -3.39 -17.65
C LYS C 31 -12.05 -3.27 -17.57
N PRO C 32 -12.62 -2.37 -16.73
CA PRO C 32 -14.08 -2.23 -16.67
C PRO C 32 -14.71 -1.74 -17.97
N CYS C 33 -15.84 -2.37 -18.35
CA CYS C 33 -16.74 -1.95 -19.41
C CYS C 33 -18.14 -1.75 -18.82
N ILE C 34 -18.75 -0.57 -18.99
CA ILE C 34 -20.12 -0.27 -18.59
C ILE C 34 -21.01 -0.37 -19.81
N VAL C 35 -22.10 -1.13 -19.71
CA VAL C 35 -23.14 -1.23 -20.74
C VAL C 35 -24.42 -0.68 -20.12
N SER C 36 -24.95 0.42 -20.67
CA SER C 36 -26.31 0.89 -20.43
C SER C 36 -27.25 0.35 -21.51
N THR C 37 -28.53 0.73 -21.41
CA THR C 37 -29.53 0.48 -22.43
C THR C 37 -29.21 1.21 -23.75
N GLU C 38 -28.42 2.31 -23.71
CA GLU C 38 -28.16 3.19 -24.85
C GLU C 38 -26.72 3.15 -25.33
N ASN C 39 -25.71 2.80 -24.49
CA ASN C 39 -24.29 3.02 -24.77
C ASN C 39 -23.41 1.94 -24.11
N VAL C 40 -22.31 1.56 -24.80
CA VAL C 40 -21.21 0.80 -24.23
C VAL C 40 -20.06 1.78 -23.94
N TYR C 41 -19.61 1.87 -22.69
CA TYR C 41 -18.45 2.67 -22.26
C TYR C 41 -17.25 1.73 -22.19
N THR C 42 -16.38 1.77 -23.20
CA THR C 42 -15.31 0.77 -23.35
C THR C 42 -14.22 1.04 -22.32
N PRO C 43 -13.39 0.02 -21.93
CA PRO C 43 -12.19 0.25 -21.13
C PRO C 43 -11.10 1.08 -21.81
N ASP C 44 -11.10 1.16 -23.16
CA ASP C 44 -10.26 2.03 -23.95
C ASP C 44 -10.78 3.48 -24.05
N ASN C 45 -11.80 3.89 -23.28
CA ASN C 45 -12.32 5.24 -23.13
C ASN C 45 -13.08 5.71 -24.38
N ALA C 46 -13.89 4.82 -24.99
CA ALA C 46 -14.82 5.17 -26.05
C ALA C 46 -16.26 4.91 -25.58
N THR C 47 -17.18 5.84 -25.90
CA THR C 47 -18.63 5.69 -25.79
C THR C 47 -19.15 5.17 -27.14
N VAL C 48 -19.58 3.89 -27.23
CA VAL C 48 -20.16 3.28 -28.45
C VAL C 48 -21.69 3.26 -28.23
N PRO C 49 -22.51 4.10 -28.92
CA PRO C 49 -23.97 3.98 -28.88
C PRO C 49 -24.47 2.65 -29.41
N HIS C 50 -25.30 1.99 -28.61
CA HIS C 50 -25.92 0.74 -28.99
C HIS C 50 -27.21 0.65 -28.20
N LYS C 51 -28.34 0.73 -28.90
CA LYS C 51 -29.66 0.66 -28.30
C LYS C 51 -29.89 -0.82 -27.96
N GLN C 52 -29.96 -1.13 -26.68
CA GLN C 52 -30.24 -2.49 -26.21
C GLN C 52 -31.67 -2.91 -26.62
N GLY C 53 -31.76 -4.10 -27.25
CA GLY C 53 -32.98 -4.65 -27.81
C GLY C 53 -33.31 -5.96 -27.09
N SER C 54 -34.27 -6.70 -27.65
CA SER C 54 -34.76 -7.94 -27.05
C SER C 54 -33.79 -9.08 -27.32
N ASP C 55 -32.96 -9.02 -28.39
CA ASP C 55 -31.93 -10.00 -28.65
C ASP C 55 -30.66 -9.65 -27.85
N TYR C 56 -29.98 -10.71 -27.38
CA TYR C 56 -28.67 -10.63 -26.75
C TYR C 56 -27.61 -10.12 -27.75
N VAL C 57 -26.76 -9.16 -27.30
CA VAL C 57 -25.53 -8.77 -28.00
C VAL C 57 -24.31 -9.12 -27.15
N LEU C 58 -23.26 -9.68 -27.81
CA LEU C 58 -21.96 -10.01 -27.20
C LEU C 58 -21.23 -8.70 -26.81
N VAL C 59 -21.02 -8.48 -25.50
CA VAL C 59 -20.35 -7.31 -24.93
C VAL C 59 -18.89 -7.65 -24.60
N ALA C 60 -18.64 -8.86 -24.07
CA ALA C 60 -17.29 -9.38 -23.89
C ALA C 60 -17.22 -10.88 -24.15
N GLY C 61 -16.03 -11.39 -24.47
CA GLY C 61 -15.78 -12.82 -24.49
C GLY C 61 -14.45 -13.17 -25.13
N LEU C 62 -13.92 -14.34 -24.77
CA LEU C 62 -12.65 -14.80 -25.30
C LEU C 62 -12.84 -15.23 -26.76
N ALA C 63 -11.89 -14.81 -27.63
CA ALA C 63 -11.97 -15.09 -29.06
C ALA C 63 -11.98 -16.60 -29.31
N GLY C 64 -12.97 -17.11 -30.06
CA GLY C 64 -13.07 -18.52 -30.38
C GLY C 64 -13.56 -19.41 -29.23
N ASP C 65 -13.82 -18.85 -28.04
CA ASP C 65 -14.09 -19.67 -26.85
C ASP C 65 -15.13 -18.97 -25.96
N PRO C 66 -16.39 -18.73 -26.44
CA PRO C 66 -17.42 -18.12 -25.61
C PRO C 66 -17.91 -19.03 -24.46
N ASN C 67 -17.68 -20.35 -24.55
CA ASN C 67 -17.93 -21.26 -23.44
C ASN C 67 -17.03 -20.99 -22.24
N ARG C 68 -15.75 -20.65 -22.48
CA ARG C 68 -14.83 -20.31 -21.42
C ARG C 68 -15.24 -18.97 -20.80
N PHE C 69 -15.45 -17.96 -21.65
CA PHE C 69 -15.91 -16.67 -21.17
C PHE C 69 -16.63 -15.94 -22.29
N SER C 70 -17.87 -15.51 -21.98
CA SER C 70 -18.66 -14.62 -22.80
C SER C 70 -19.70 -13.89 -21.92
N ALA C 71 -20.05 -12.66 -22.32
CA ALA C 71 -20.98 -11.81 -21.59
C ALA C 71 -21.93 -11.13 -22.58
N TYR C 72 -23.25 -11.21 -22.31
CA TYR C 72 -24.28 -10.76 -23.23
C TYR C 72 -25.24 -9.84 -22.46
N THR C 73 -25.78 -8.84 -23.18
CA THR C 73 -26.75 -7.87 -22.70
C THR C 73 -27.95 -7.85 -23.65
N ARG C 74 -29.15 -7.76 -23.07
CA ARG C 74 -30.37 -7.42 -23.78
C ARG C 74 -31.19 -6.49 -22.88
N SER C 75 -32.31 -5.98 -23.42
CA SER C 75 -33.30 -5.21 -22.70
C SER C 75 -34.63 -5.93 -22.83
N GLN C 76 -35.39 -6.03 -21.72
CA GLN C 76 -36.76 -6.55 -21.73
C GLN C 76 -37.79 -5.42 -21.63
N GLY C 77 -37.41 -4.12 -21.63
CA GLY C 77 -38.36 -3.02 -21.50
C GLY C 77 -38.87 -2.89 -20.06
N GLY C 78 -39.67 -1.83 -19.83
CA GLY C 78 -40.14 -1.45 -18.51
C GLY C 78 -39.04 -0.83 -17.63
N SER C 79 -39.34 -0.70 -16.33
CA SER C 79 -38.41 -0.17 -15.32
C SER C 79 -37.33 -1.23 -15.02
N LYS C 80 -36.06 -0.81 -14.78
CA LYS C 80 -34.93 -1.70 -14.55
C LYS C 80 -34.80 -2.77 -15.66
N PRO C 81 -34.75 -2.36 -16.97
CA PRO C 81 -35.00 -3.28 -18.08
C PRO C 81 -33.88 -4.23 -18.54
N LEU C 82 -32.66 -4.09 -18.00
CA LEU C 82 -31.49 -4.76 -18.54
C LEU C 82 -31.48 -6.23 -18.08
N VAL C 83 -31.20 -7.14 -19.03
CA VAL C 83 -30.96 -8.55 -18.76
C VAL C 83 -29.52 -8.82 -19.16
N VAL C 84 -28.81 -9.61 -18.32
CA VAL C 84 -27.41 -9.93 -18.56
C VAL C 84 -27.21 -11.43 -18.48
N LYS C 85 -26.44 -11.96 -19.45
CA LYS C 85 -25.98 -13.34 -19.45
C LYS C 85 -24.46 -13.33 -19.32
N LEU C 86 -23.94 -14.03 -18.28
CA LEU C 86 -22.53 -14.28 -18.05
C LEU C 86 -22.23 -15.77 -18.13
N VAL C 87 -21.36 -16.16 -19.08
CA VAL C 87 -20.95 -17.55 -19.28
C VAL C 87 -19.51 -17.63 -18.76
N ASN C 88 -19.26 -18.49 -17.74
CA ASN C 88 -17.97 -18.77 -17.16
C ASN C 88 -17.76 -20.29 -17.13
N ASP C 89 -16.85 -20.80 -17.98
CA ASP C 89 -16.49 -22.21 -18.09
C ASP C 89 -17.71 -23.12 -18.21
N GLY C 90 -18.57 -22.80 -19.19
CA GLY C 90 -19.75 -23.58 -19.52
C GLY C 90 -20.92 -23.37 -18.54
N VAL C 91 -20.81 -22.50 -17.51
CA VAL C 91 -21.86 -22.27 -16.52
C VAL C 91 -22.48 -20.91 -16.82
N THR C 92 -23.81 -20.89 -17.03
CA THR C 92 -24.56 -19.74 -17.51
C THR C 92 -25.23 -19.11 -16.31
N LEU C 93 -24.96 -17.82 -16.06
CA LEU C 93 -25.70 -16.98 -15.13
C LEU C 93 -26.56 -16.04 -15.97
N GLU C 94 -27.85 -15.95 -15.63
CA GLU C 94 -28.76 -14.95 -16.17
C GLU C 94 -29.18 -14.06 -15.01
N LEU C 95 -29.07 -12.74 -15.21
CA LEU C 95 -29.55 -11.72 -14.29
C LEU C 95 -30.67 -10.94 -14.97
N THR C 96 -31.74 -10.71 -14.18
CA THR C 96 -32.84 -9.82 -14.49
C THR C 96 -33.15 -8.99 -13.24
N ARG C 97 -34.03 -8.00 -13.39
CA ARG C 97 -34.50 -7.20 -12.26
C ARG C 97 -35.14 -8.05 -11.15
N ASP C 98 -35.76 -9.20 -11.50
CA ASP C 98 -36.41 -10.12 -10.57
C ASP C 98 -35.48 -11.14 -9.89
N GLY C 99 -34.18 -11.17 -10.22
CA GLY C 99 -33.17 -11.98 -9.56
C GLY C 99 -32.35 -12.73 -10.59
N ALA C 100 -32.10 -14.02 -10.35
CA ALA C 100 -31.00 -14.71 -11.00
C ALA C 100 -31.29 -16.19 -11.21
N SER C 101 -30.59 -16.77 -12.21
CA SER C 101 -30.63 -18.20 -12.48
C SER C 101 -29.26 -18.70 -12.93
N ILE C 102 -29.01 -20.00 -12.68
CA ILE C 102 -27.74 -20.67 -12.95
C ILE C 102 -28.06 -21.91 -13.79
N ASN C 103 -27.66 -21.93 -15.07
CA ASN C 103 -27.94 -23.04 -15.99
C ASN C 103 -29.45 -23.38 -16.02
N GLY C 104 -30.29 -22.36 -16.21
CA GLY C 104 -31.73 -22.51 -16.34
C GLY C 104 -32.53 -22.85 -15.07
N LYS C 105 -31.96 -22.77 -13.85
CA LYS C 105 -32.70 -22.91 -12.60
C LYS C 105 -32.52 -21.62 -11.80
N ALA C 106 -33.62 -21.01 -11.32
CA ALA C 106 -33.58 -19.83 -10.45
C ALA C 106 -32.94 -20.19 -9.11
N VAL C 107 -32.21 -19.22 -8.52
CA VAL C 107 -31.44 -19.39 -7.30
C VAL C 107 -31.76 -18.26 -6.33
N SER C 108 -31.58 -18.51 -5.01
CA SER C 108 -31.85 -17.56 -3.94
C SER C 108 -30.65 -16.61 -3.79
N VAL C 109 -30.52 -15.69 -4.76
CA VAL C 109 -29.36 -14.82 -4.95
C VAL C 109 -29.19 -13.81 -3.82
N GLU C 110 -30.28 -13.46 -3.10
CA GLU C 110 -30.22 -12.58 -1.94
C GLU C 110 -29.48 -13.22 -0.74
N LYS C 111 -29.44 -14.56 -0.66
CA LYS C 111 -28.64 -15.26 0.35
C LYS C 111 -27.26 -15.66 -0.21
N GLY C 112 -26.87 -15.28 -1.43
CA GLY C 112 -25.54 -15.53 -1.97
C GLY C 112 -25.43 -16.97 -2.48
N VAL C 113 -24.96 -17.19 -3.72
CA VAL C 113 -25.02 -18.50 -4.35
C VAL C 113 -23.70 -18.77 -5.09
N GLN C 114 -23.20 -20.02 -4.95
CA GLN C 114 -21.96 -20.49 -5.58
C GLN C 114 -22.27 -21.73 -6.43
N TYR C 115 -21.72 -21.77 -7.66
CA TYR C 115 -21.75 -22.96 -8.49
C TYR C 115 -20.36 -23.32 -9.01
N PRO C 116 -19.90 -24.59 -8.97
CA PRO C 116 -20.40 -25.64 -8.06
C PRO C 116 -20.34 -25.22 -6.59
N GLN C 117 -21.40 -25.52 -5.83
CA GLN C 117 -21.50 -25.14 -4.42
C GLN C 117 -20.32 -25.66 -3.58
N ASP C 118 -19.77 -26.84 -3.92
CA ASP C 118 -18.65 -27.47 -3.25
C ASP C 118 -17.26 -27.05 -3.75
N ASP C 119 -17.13 -26.34 -4.90
CA ASP C 119 -15.85 -26.23 -5.60
C ASP C 119 -15.20 -24.92 -5.18
N PRO C 120 -14.03 -24.88 -4.48
CA PRO C 120 -13.33 -23.61 -4.23
C PRO C 120 -12.89 -22.87 -5.51
N ASN C 121 -12.57 -23.62 -6.59
CA ASN C 121 -12.41 -23.07 -7.92
C ASN C 121 -13.78 -22.95 -8.58
N TYR C 122 -14.63 -22.05 -8.05
CA TYR C 122 -16.01 -21.95 -8.47
C TYR C 122 -16.06 -21.23 -9.83
N ALA C 123 -17.02 -21.63 -10.65
CA ALA C 123 -17.34 -20.98 -11.93
C ALA C 123 -18.02 -19.64 -11.68
N ILE C 124 -18.90 -19.56 -10.66
CA ILE C 124 -19.66 -18.35 -10.42
C ILE C 124 -20.05 -18.28 -8.96
N ARG C 125 -19.94 -17.06 -8.41
CA ARG C 125 -20.60 -16.60 -7.20
C ARG C 125 -21.43 -15.38 -7.57
N VAL C 126 -22.57 -15.22 -6.91
CA VAL C 126 -23.51 -14.15 -7.18
C VAL C 126 -24.23 -13.80 -5.87
N TRP C 127 -24.53 -12.49 -5.67
CA TRP C 127 -25.15 -11.97 -4.44
C TRP C 127 -25.94 -10.71 -4.75
N LYS C 128 -27.08 -10.52 -4.06
CA LYS C 128 -27.99 -9.41 -4.30
C LYS C 128 -28.36 -8.70 -3.00
N SER C 129 -28.42 -7.36 -3.05
CA SER C 129 -28.87 -6.50 -1.97
C SER C 129 -29.55 -5.30 -2.60
N GLY C 130 -30.83 -5.04 -2.25
CA GLY C 130 -31.71 -4.17 -3.00
C GLY C 130 -31.72 -4.59 -4.47
N ASP C 131 -31.41 -3.66 -5.38
CA ASP C 131 -31.28 -3.94 -6.81
C ASP C 131 -29.82 -4.18 -7.25
N LEU C 132 -28.83 -4.15 -6.33
CA LEU C 132 -27.44 -4.44 -6.67
C LEU C 132 -27.27 -5.95 -6.80
N VAL C 133 -26.65 -6.41 -7.89
CA VAL C 133 -26.15 -7.77 -7.99
C VAL C 133 -24.64 -7.72 -8.26
N MET C 134 -23.86 -8.48 -7.49
CA MET C 134 -22.44 -8.66 -7.77
C MET C 134 -22.24 -10.10 -8.26
N ALA C 135 -21.22 -10.28 -9.12
CA ALA C 135 -20.86 -11.60 -9.58
C ALA C 135 -19.35 -11.68 -9.79
N TYR C 136 -18.79 -12.87 -9.53
CA TYR C 136 -17.38 -13.12 -9.76
C TYR C 136 -17.17 -14.58 -10.13
N SER C 137 -16.18 -14.84 -10.99
CA SER C 137 -15.76 -16.18 -11.36
C SER C 137 -14.29 -16.33 -10.99
N ARG C 138 -13.98 -17.30 -10.12
CA ARG C 138 -12.59 -17.71 -9.92
C ARG C 138 -11.98 -18.37 -11.16
N ARG C 139 -12.75 -19.01 -12.04
CA ARG C 139 -12.18 -19.67 -13.21
C ARG C 139 -11.67 -18.64 -14.23
N THR C 140 -12.49 -17.65 -14.58
CA THR C 140 -12.15 -16.64 -15.60
C THR C 140 -11.51 -15.37 -15.02
N ALA C 141 -11.65 -15.10 -13.70
CA ALA C 141 -11.38 -13.81 -13.03
C ALA C 141 -12.22 -12.63 -13.54
N VAL C 142 -13.38 -12.87 -14.19
CA VAL C 142 -14.27 -11.80 -14.59
C VAL C 142 -15.15 -11.46 -13.39
N TYR C 143 -15.17 -10.19 -13.06
CA TYR C 143 -16.09 -9.59 -12.11
C TYR C 143 -17.12 -8.81 -12.91
N ALA C 144 -18.32 -8.79 -12.37
CA ALA C 144 -19.34 -7.88 -12.87
C ALA C 144 -20.21 -7.39 -11.73
N TYR C 145 -20.83 -6.24 -11.93
CA TYR C 145 -22.00 -5.89 -11.12
C TYR C 145 -23.07 -5.21 -11.96
N TYR C 146 -24.29 -5.24 -11.41
CA TYR C 146 -25.54 -5.04 -12.13
C TYR C 146 -26.55 -4.31 -11.26
N THR C 147 -27.24 -3.30 -11.83
CA THR C 147 -28.23 -2.47 -11.15
C THR C 147 -29.67 -2.66 -11.68
N GLY C 148 -29.86 -3.36 -12.82
CA GLY C 148 -31.09 -3.28 -13.61
C GLY C 148 -31.03 -2.28 -14.76
N THR C 149 -30.33 -1.13 -14.57
CA THR C 149 -30.15 -0.06 -15.55
C THR C 149 -28.86 -0.25 -16.34
N ALA C 150 -27.81 -0.75 -15.65
CA ALA C 150 -26.54 -1.02 -16.30
C ALA C 150 -25.84 -2.22 -15.67
N VAL C 151 -24.83 -2.68 -16.40
CA VAL C 151 -23.91 -3.69 -15.94
C VAL C 151 -22.49 -3.16 -16.16
N ASP C 152 -21.61 -3.46 -15.19
CA ASP C 152 -20.16 -3.31 -15.31
C ASP C 152 -19.61 -4.70 -15.53
N VAL C 153 -18.92 -4.97 -16.65
CA VAL C 153 -18.19 -6.23 -16.86
C VAL C 153 -16.71 -5.85 -16.86
N GLU C 154 -15.94 -6.44 -15.93
CA GLU C 154 -14.54 -6.16 -15.75
C GLU C 154 -13.76 -7.44 -16.05
N GLN C 155 -12.92 -7.35 -17.09
CA GLN C 155 -12.06 -8.44 -17.49
C GLN C 155 -10.66 -8.20 -16.92
N PRO C 156 -9.90 -9.28 -16.62
CA PRO C 156 -8.49 -9.12 -16.29
C PRO C 156 -7.68 -8.77 -17.55
N VAL C 157 -6.57 -8.04 -17.35
CA VAL C 157 -5.72 -7.59 -18.44
C VAL C 157 -5.07 -8.76 -19.17
N THR C 158 -4.94 -9.93 -18.49
CA THR C 158 -4.49 -11.20 -19.07
C THR C 158 -5.28 -11.64 -20.31
N TYR C 159 -6.50 -11.10 -20.57
CA TYR C 159 -7.26 -11.30 -21.78
C TYR C 159 -6.77 -10.49 -23.00
N ARG C 160 -5.76 -9.60 -22.84
CA ARG C 160 -5.28 -8.72 -23.91
C ARG C 160 -4.81 -9.53 -25.11
N GLY C 161 -5.34 -9.20 -26.31
CA GLY C 161 -5.08 -9.92 -27.56
C GLY C 161 -6.06 -11.07 -27.85
N ARG C 162 -6.98 -11.41 -26.92
CA ARG C 162 -8.03 -12.41 -27.06
C ARG C 162 -9.43 -11.87 -26.79
N ALA C 163 -9.60 -10.55 -26.60
CA ALA C 163 -10.87 -9.97 -26.20
C ALA C 163 -11.73 -9.74 -27.43
N THR C 164 -13.05 -9.98 -27.31
CA THR C 164 -14.01 -9.74 -28.39
C THR C 164 -15.20 -9.01 -27.75
N GLY C 165 -16.25 -8.76 -28.57
CA GLY C 165 -17.47 -8.14 -28.08
C GLY C 165 -17.38 -6.62 -28.20
N LEU C 166 -18.53 -5.96 -27.93
CA LEU C 166 -18.63 -4.51 -28.06
C LEU C 166 -17.71 -3.72 -27.11
N CYS C 167 -17.28 -4.31 -25.96
CA CYS C 167 -16.33 -3.66 -25.06
C CYS C 167 -14.94 -3.50 -25.71
N GLY C 168 -14.57 -4.37 -26.66
CA GLY C 168 -13.40 -4.19 -27.49
C GLY C 168 -12.11 -4.51 -26.75
N ASN C 169 -11.03 -3.84 -27.18
CA ASN C 169 -9.67 -4.18 -26.88
C ASN C 169 -9.41 -3.89 -25.40
N LEU C 170 -8.47 -4.65 -24.84
CA LEU C 170 -7.99 -4.45 -23.49
C LEU C 170 -6.61 -3.76 -23.49
N ASN C 171 -6.39 -2.80 -24.42
CA ASN C 171 -5.60 -1.58 -24.23
C ASN C 171 -4.17 -1.88 -24.68
N GLY C 172 -4.07 -2.51 -25.87
CA GLY C 172 -2.94 -3.36 -26.22
C GLY C 172 -3.38 -4.58 -26.99
N GLY D 2 -18.56 -21.85 1.78
CA GLY D 2 -17.29 -21.11 1.62
C GLY D 2 -16.02 -21.97 1.85
N SER D 3 -14.86 -21.45 1.43
CA SER D 3 -13.64 -22.23 1.25
C SER D 3 -12.72 -22.15 2.48
N GLN D 4 -11.87 -23.18 2.66
CA GLN D 4 -10.81 -23.21 3.65
C GLN D 4 -9.47 -23.21 2.93
N VAL D 5 -8.45 -22.64 3.61
CA VAL D 5 -7.10 -22.52 3.08
C VAL D 5 -6.10 -23.14 4.06
N GLU D 6 -5.10 -23.86 3.48
CA GLU D 6 -3.86 -24.24 4.15
C GLU D 6 -2.69 -23.82 3.29
N PHE D 7 -1.73 -23.04 3.84
CA PHE D 7 -0.54 -22.57 3.13
C PHE D 7 0.68 -22.88 4.00
N SER D 8 1.47 -23.89 3.64
CA SER D 8 2.79 -24.13 4.21
C SER D 8 3.82 -23.43 3.33
N MET D 9 4.77 -22.73 3.93
CA MET D 9 5.88 -22.16 3.17
C MET D 9 7.13 -22.08 4.03
N LYS D 10 8.30 -22.04 3.37
CA LYS D 10 9.60 -21.73 3.95
C LYS D 10 10.20 -20.54 3.21
N MET D 11 10.61 -19.47 3.93
CA MET D 11 11.40 -18.40 3.34
C MET D 11 12.84 -18.62 3.74
N THR D 12 13.73 -18.68 2.73
CA THR D 12 15.18 -18.64 2.93
C THR D 12 15.76 -17.43 2.18
N GLY D 13 17.08 -17.23 2.38
CA GLY D 13 17.86 -16.23 1.71
C GLY D 13 18.28 -15.24 2.78
N GLY D 14 18.50 -13.98 2.41
CA GLY D 14 19.06 -13.04 3.38
C GLY D 14 19.64 -11.79 2.75
N GLU D 15 20.42 -11.07 3.58
CA GLU D 15 21.02 -9.81 3.19
C GLU D 15 22.20 -10.03 2.22
N ILE D 16 22.34 -9.13 1.21
CA ILE D 16 23.37 -9.16 0.19
C ILE D 16 24.51 -8.30 0.74
N PRO D 17 25.82 -8.66 0.61
CA PRO D 17 26.90 -7.74 1.01
C PRO D 17 26.95 -6.45 0.20
N GLY D 18 27.59 -5.42 0.79
CA GLY D 18 27.95 -4.17 0.12
C GLY D 18 26.89 -3.09 0.32
N GLY D 19 27.24 -1.86 -0.09
CA GLY D 19 26.32 -0.75 -0.11
C GLY D 19 25.92 -0.33 1.30
N ASN D 20 24.78 0.33 1.38
CA ASN D 20 24.30 0.91 2.62
C ASN D 20 23.68 -0.21 3.45
N ILE D 21 24.41 -0.74 4.43
CA ILE D 21 23.96 -1.89 5.20
C ILE D 21 22.85 -1.50 6.19
N VAL D 22 22.72 -0.19 6.50
CA VAL D 22 21.58 0.28 7.26
C VAL D 22 20.30 -0.09 6.51
N LEU D 23 20.29 0.06 5.15
CA LEU D 23 19.20 -0.38 4.29
C LEU D 23 19.67 -1.51 3.39
N GLN D 24 20.23 -2.55 4.00
CA GLN D 24 20.97 -3.57 3.26
C GLN D 24 20.08 -4.28 2.26
N GLY D 25 20.66 -4.58 1.09
CA GLY D 25 20.01 -5.38 0.08
C GLY D 25 19.63 -6.77 0.60
N VAL D 26 18.57 -7.37 0.04
CA VAL D 26 18.09 -8.70 0.42
C VAL D 26 17.87 -9.50 -0.87
N LYS D 27 18.09 -10.81 -0.79
CA LYS D 27 17.63 -11.78 -1.77
C LYS D 27 16.97 -12.92 -1.00
N LEU D 28 15.67 -13.17 -1.31
CA LEU D 28 14.79 -14.07 -0.57
C LEU D 28 14.17 -15.08 -1.55
N ARG D 29 14.04 -16.34 -1.10
CA ARG D 29 13.26 -17.35 -1.81
C ARG D 29 12.17 -17.87 -0.89
N ILE D 30 10.92 -17.87 -1.39
CA ILE D 30 9.78 -18.51 -0.71
C ILE D 30 9.42 -19.72 -1.55
N VAL D 31 9.32 -20.88 -0.89
CA VAL D 31 8.80 -22.07 -1.51
C VAL D 31 7.68 -22.57 -0.60
N GLY D 32 6.57 -23.02 -1.23
CA GLY D 32 5.44 -23.52 -0.45
C GLY D 32 4.32 -24.10 -1.32
N GLU D 33 3.23 -24.46 -0.64
CA GLU D 33 2.07 -25.06 -1.24
C GLU D 33 0.83 -24.41 -0.64
N TRP D 34 -0.09 -24.02 -1.54
CA TRP D 34 -1.31 -23.32 -1.22
C TRP D 34 -2.44 -24.29 -1.54
N VAL D 35 -3.26 -24.68 -0.56
CA VAL D 35 -4.31 -25.69 -0.74
C VAL D 35 -5.65 -24.99 -0.46
N LEU D 36 -6.60 -24.97 -1.42
CA LEU D 36 -7.98 -24.58 -1.16
C LEU D 36 -8.83 -25.85 -1.08
N LYS D 37 -9.70 -25.91 -0.07
CA LYS D 37 -10.64 -27.01 0.12
C LYS D 37 -12.04 -26.41 0.10
N GLY D 38 -12.97 -27.12 -0.56
CA GLY D 38 -14.40 -26.84 -0.41
C GLY D 38 -14.87 -27.13 1.00
N SER D 39 -16.04 -26.58 1.35
CA SER D 39 -16.71 -26.88 2.60
C SER D 39 -17.33 -28.27 2.50
N SER D 40 -18.31 -28.42 1.59
CA SER D 40 -19.11 -29.63 1.47
C SER D 40 -18.21 -30.75 0.93
N GLY D 41 -17.72 -31.59 1.86
CA GLY D 41 -16.74 -32.62 1.60
C GLY D 41 -15.38 -31.99 1.29
N GLU D 42 -14.75 -32.51 0.23
CA GLU D 42 -13.46 -32.06 -0.24
C GLU D 42 -13.44 -32.28 -1.76
N SER D 43 -13.62 -31.20 -2.54
CA SER D 43 -12.80 -30.98 -3.72
C SER D 43 -11.64 -30.09 -3.28
N VAL D 44 -10.42 -30.44 -3.71
CA VAL D 44 -9.16 -29.93 -3.16
C VAL D 44 -8.34 -29.42 -4.35
N ARG D 45 -7.78 -28.21 -4.20
CA ARG D 45 -6.95 -27.58 -5.21
C ARG D 45 -5.61 -27.27 -4.56
N ARG D 46 -4.51 -27.74 -5.15
CA ARG D 46 -3.16 -27.59 -4.62
C ARG D 46 -2.38 -26.76 -5.64
N THR D 47 -1.67 -25.72 -5.18
CA THR D 47 -0.85 -24.86 -6.02
C THR D 47 0.53 -24.78 -5.39
N ASP D 48 1.58 -25.22 -6.11
CA ASP D 48 2.96 -24.97 -5.76
C ASP D 48 3.28 -23.49 -5.99
N VAL D 49 4.03 -22.91 -5.05
CA VAL D 49 4.36 -21.50 -4.99
C VAL D 49 5.89 -21.45 -4.92
N LYS D 50 6.53 -20.74 -5.87
CA LYS D 50 7.92 -20.33 -5.77
C LYS D 50 7.97 -18.81 -6.00
N VAL D 51 8.53 -18.05 -5.02
CA VAL D 51 8.70 -16.60 -5.08
C VAL D 51 10.19 -16.28 -4.92
N ASP D 52 10.73 -15.40 -5.79
CA ASP D 52 12.11 -14.91 -5.73
C ASP D 52 12.06 -13.38 -5.63
N ILE D 53 12.59 -12.82 -4.52
CA ILE D 53 12.69 -11.38 -4.34
C ILE D 53 14.16 -10.98 -4.26
N THR D 54 14.54 -9.97 -5.06
CA THR D 54 15.74 -9.19 -4.87
C THR D 54 15.33 -7.75 -4.65
N SER D 55 15.95 -7.09 -3.67
CA SER D 55 15.85 -5.65 -3.44
C SER D 55 17.22 -5.19 -2.95
N THR D 56 17.97 -4.42 -3.79
CA THR D 56 19.31 -3.97 -3.45
C THR D 56 19.24 -2.90 -2.34
N ALA D 57 20.42 -2.45 -1.90
CA ALA D 57 20.49 -1.54 -0.78
C ALA D 57 19.64 -0.29 -1.09
N GLY D 58 18.94 0.17 -0.06
CA GLY D 58 17.98 1.25 -0.17
C GLY D 58 16.79 0.97 -1.10
N ASN D 59 16.48 -0.31 -1.47
CA ASN D 59 15.49 -0.66 -2.48
C ASN D 59 15.72 0.00 -3.84
N GLN D 60 16.96 0.21 -4.22
CA GLN D 60 17.24 0.90 -5.47
C GLN D 60 16.77 0.06 -6.67
N ASP D 61 17.16 -1.24 -6.69
CA ASP D 61 16.75 -2.18 -7.72
C ASP D 61 15.93 -3.31 -7.11
N ASN D 62 14.74 -3.59 -7.67
CA ASN D 62 13.73 -4.48 -7.09
C ASN D 62 13.25 -5.47 -8.17
N SER D 63 13.14 -6.75 -7.77
CA SER D 63 12.68 -7.81 -8.62
C SER D 63 11.78 -8.73 -7.80
N PHE D 64 10.60 -9.09 -8.37
CA PHE D 64 9.63 -9.98 -7.75
C PHE D 64 9.18 -10.97 -8.81
N ALA D 65 9.54 -12.26 -8.64
CA ALA D 65 9.19 -13.33 -9.56
C ALA D 65 8.36 -14.35 -8.81
N ILE D 66 7.20 -14.75 -9.35
CA ILE D 66 6.32 -15.73 -8.73
C ILE D 66 5.96 -16.78 -9.78
N GLN D 67 6.19 -18.06 -9.48
CA GLN D 67 5.81 -19.19 -10.31
C GLN D 67 4.79 -20.00 -9.54
N LEU D 68 3.58 -20.19 -10.12
CA LEU D 68 2.54 -21.07 -9.58
C LEU D 68 2.43 -22.30 -10.50
N ALA D 69 2.28 -23.50 -9.90
CA ALA D 69 1.88 -24.70 -10.62
C ALA D 69 0.65 -25.27 -9.91
N ASN D 70 -0.48 -25.37 -10.63
CA ASN D 70 -1.80 -25.74 -10.12
C ASN D 70 -2.11 -27.21 -10.42
N TYR D 71 -2.78 -27.91 -9.46
CA TYR D 71 -3.11 -29.33 -9.50
C TYR D 71 -3.79 -29.75 -8.15
N THR D 78 -2.93 -24.31 -15.86
CA THR D 78 -2.03 -25.09 -14.97
C THR D 78 -0.90 -24.19 -14.43
N LYS D 79 0.05 -23.77 -15.29
CA LYS D 79 1.20 -22.96 -14.89
C LYS D 79 0.86 -21.47 -15.04
N TRP D 80 1.42 -20.67 -14.16
CA TRP D 80 1.21 -19.24 -14.08
C TRP D 80 2.46 -18.62 -13.51
N CSD D 81 3.10 -17.67 -14.21
CA CSD D 81 4.17 -16.89 -13.58
CB CSD D 81 5.54 -17.48 -13.86
SG CSD D 81 6.08 -17.24 -15.54
C CSD D 81 4.09 -15.41 -13.90
O CSD D 81 3.39 -15.01 -14.83
OD1 CSD D 81 6.65 -15.84 -15.63
OD2 CSD D 81 7.08 -18.46 -15.95
N ALA D 82 4.83 -14.64 -13.08
CA ALA D 82 4.92 -13.21 -13.16
C ALA D 82 6.34 -12.79 -12.79
N LEU D 83 6.97 -11.91 -13.59
CA LEU D 83 8.22 -11.22 -13.27
C LEU D 83 7.90 -9.73 -13.22
N LEU D 84 8.07 -9.12 -12.03
CA LEU D 84 7.87 -7.70 -11.79
C LEU D 84 9.23 -7.06 -11.43
N THR D 85 9.65 -5.98 -12.12
CA THR D 85 10.94 -5.33 -11.85
C THR D 85 10.74 -3.83 -11.74
N LYS D 86 11.50 -3.17 -10.83
CA LYS D 86 11.35 -1.73 -10.60
C LYS D 86 12.72 -1.18 -10.19
N LYS D 87 13.19 -0.21 -10.98
CA LYS D 87 14.54 0.30 -10.91
C LYS D 87 14.43 1.80 -10.69
N TYR D 88 15.07 2.29 -9.61
CA TYR D 88 15.08 3.68 -9.22
C TYR D 88 16.46 4.23 -9.57
N PRO D 89 16.65 5.56 -9.61
CA PRO D 89 18.00 6.10 -9.83
C PRO D 89 18.93 5.88 -8.64
N GLU D 90 20.24 5.95 -8.92
CA GLU D 90 21.34 5.91 -7.96
C GLU D 90 21.24 7.16 -7.08
N ARG D 91 21.33 7.02 -5.75
CA ARG D 91 21.12 8.13 -4.84
C ARG D 91 22.35 9.06 -4.76
N LYS D 92 22.18 10.16 -4.03
CA LYS D 92 23.25 11.06 -3.61
C LYS D 92 23.05 11.37 -2.12
N PRO D 93 24.04 11.96 -1.40
CA PRO D 93 23.91 12.20 0.04
C PRO D 93 22.67 12.98 0.51
N ASP D 94 22.28 14.02 -0.25
CA ASP D 94 21.15 14.86 0.10
C ASP D 94 19.85 14.39 -0.59
N VAL D 95 19.02 13.69 0.18
CA VAL D 95 17.68 13.29 -0.22
C VAL D 95 16.76 14.48 -0.47
N LEU D 96 16.97 15.61 0.24
CA LEU D 96 16.14 16.80 0.07
C LEU D 96 16.41 17.52 -1.26
N ALA D 97 17.51 17.27 -1.95
CA ALA D 97 17.87 18.01 -3.15
C ALA D 97 17.51 17.14 -4.35
N PHE D 98 16.84 17.74 -5.34
CA PHE D 98 16.51 17.12 -6.60
C PHE D 98 17.81 16.85 -7.35
N GLY D 99 17.81 15.81 -8.22
CA GLY D 99 18.89 15.48 -9.14
C GLY D 99 19.61 14.16 -8.82
N TRP D 100 18.91 13.16 -8.25
CA TRP D 100 19.41 11.77 -8.18
C TRP D 100 19.33 11.15 -9.58
N GLY D 101 20.46 11.00 -10.27
CA GLY D 101 20.49 10.49 -11.64
C GLY D 101 19.53 11.22 -12.59
N ASN D 102 18.79 10.47 -13.40
CA ASN D 102 17.80 10.95 -14.37
C ASN D 102 16.39 11.16 -13.76
N GLU D 103 16.20 10.94 -12.44
CA GLU D 103 14.96 11.18 -11.71
C GLU D 103 13.78 10.42 -12.34
N GLN D 104 14.04 9.17 -12.77
CA GLN D 104 13.11 8.33 -13.52
C GLN D 104 13.01 6.93 -12.91
N VAL D 105 11.84 6.31 -13.00
CA VAL D 105 11.59 4.95 -12.53
C VAL D 105 11.38 4.06 -13.76
N ASP D 106 12.08 2.92 -13.83
CA ASP D 106 11.97 1.95 -14.91
C ASP D 106 11.32 0.67 -14.37
N SER D 107 10.12 0.34 -14.86
CA SER D 107 9.36 -0.80 -14.38
C SER D 107 8.98 -1.68 -15.58
N LYS D 108 8.89 -3.00 -15.29
CA LYS D 108 8.35 -3.98 -16.22
C LYS D 108 7.56 -5.02 -15.45
N ALA D 109 6.46 -5.48 -16.07
CA ALA D 109 5.65 -6.61 -15.60
C ALA D 109 5.40 -7.56 -16.76
N SER D 110 5.64 -8.85 -16.53
CA SER D 110 5.49 -9.92 -17.53
C SER D 110 4.70 -11.04 -16.85
N VAL D 111 3.61 -11.53 -17.50
CA VAL D 111 2.82 -12.65 -16.98
C VAL D 111 2.76 -13.70 -18.06
N THR D 112 3.10 -14.96 -17.72
CA THR D 112 3.01 -16.09 -18.66
C THR D 112 2.06 -17.12 -18.05
N ILE D 113 1.03 -17.49 -18.83
CA ILE D 113 0.02 -18.48 -18.47
C ILE D 113 0.23 -19.69 -19.41
N GLY D 114 0.57 -20.85 -18.84
CA GLY D 114 0.70 -22.10 -19.56
C GLY D 114 -0.51 -22.95 -19.25
N SER E 1 3.14 -19.49 -23.12
CA SER E 1 2.08 -19.91 -24.08
C SER E 1 1.10 -18.77 -24.43
N VAL E 2 0.58 -18.04 -23.43
CA VAL E 2 0.10 -16.66 -23.60
C VAL E 2 0.78 -15.79 -22.55
N THR E 3 1.36 -14.67 -23.01
CA THR E 3 2.14 -13.74 -22.22
C THR E 3 1.53 -12.36 -22.36
N ILE E 4 1.53 -11.62 -21.23
CA ILE E 4 1.26 -10.18 -21.21
C ILE E 4 2.49 -9.47 -20.68
N THR E 5 2.92 -8.41 -21.34
CA THR E 5 4.10 -7.65 -20.96
C THR E 5 3.72 -6.18 -20.98
N ILE E 6 4.06 -5.49 -19.89
CA ILE E 6 3.84 -4.07 -19.76
C ILE E 6 5.17 -3.47 -19.28
N ASN E 7 5.72 -2.54 -20.08
CA ASN E 7 6.80 -1.66 -19.70
C ASN E 7 6.19 -0.36 -19.19
N GLN E 8 6.84 0.26 -18.22
CA GLN E 8 6.28 1.39 -17.49
C GLN E 8 7.47 2.28 -17.11
N LYS E 9 7.36 3.55 -17.52
CA LYS E 9 8.32 4.58 -17.20
C LYS E 9 7.60 5.58 -16.30
N GLY E 10 8.14 5.81 -15.09
CA GLY E 10 7.71 6.87 -14.17
C GLY E 10 8.65 8.07 -14.28
N GLU E 11 8.08 9.26 -14.48
CA GLU E 11 8.81 10.52 -14.55
C GLU E 11 8.17 11.55 -13.63
N ILE E 12 8.95 12.62 -13.37
CA ILE E 12 8.47 13.82 -12.66
C ILE E 12 7.85 14.73 -13.71
N THR E 13 6.65 15.29 -13.46
CA THR E 13 5.99 16.21 -14.36
C THR E 13 6.69 17.58 -14.39
N GLU E 14 6.51 18.30 -15.51
CA GLU E 14 6.95 19.68 -15.67
C GLU E 14 6.35 20.59 -14.61
N GLU E 15 5.04 20.46 -14.36
CA GLU E 15 4.30 21.21 -13.36
C GLU E 15 4.94 21.08 -11.98
N GLN E 16 5.36 19.86 -11.58
CA GLN E 16 6.06 19.64 -10.31
C GLN E 16 7.38 20.41 -10.25
N LYS E 17 8.13 20.39 -11.35
CA LYS E 17 9.40 21.10 -11.45
C LYS E 17 9.22 22.62 -11.45
N GLN E 18 8.20 23.13 -12.20
CA GLN E 18 7.85 24.54 -12.19
C GLN E 18 7.54 25.01 -10.77
N ARG E 19 6.71 24.22 -10.06
CA ARG E 19 6.34 24.51 -8.68
C ARG E 19 7.56 24.59 -7.75
N ALA E 20 8.50 23.61 -7.89
CA ALA E 20 9.69 23.57 -7.06
C ALA E 20 10.64 24.76 -7.32
N GLN E 21 10.63 25.31 -8.54
CA GLN E 21 11.41 26.51 -8.84
C GLN E 21 10.74 27.81 -8.35
N GLY E 22 9.42 27.82 -8.10
CA GLY E 22 8.71 28.99 -7.60
C GLY E 22 8.83 29.16 -6.08
N ASP E 23 8.01 30.08 -5.56
CA ASP E 23 8.06 30.62 -4.21
C ASP E 23 6.81 30.26 -3.39
N ASP E 24 5.83 29.50 -3.91
CA ASP E 24 4.63 29.12 -3.17
C ASP E 24 4.95 28.01 -2.17
N TRP E 25 3.97 27.67 -1.33
CA TRP E 25 4.15 26.72 -0.23
C TRP E 25 4.46 25.34 -0.82
N PRO E 26 5.44 24.53 -0.35
CA PRO E 26 6.42 24.86 0.69
C PRO E 26 7.79 25.39 0.21
N TYR E 27 7.93 25.72 -1.09
CA TYR E 27 9.22 25.99 -1.72
C TYR E 27 9.74 27.36 -1.29
N GLY E 28 8.85 28.35 -1.09
CA GLY E 28 9.22 29.64 -0.52
C GLY E 28 9.81 29.53 0.88
N GLN E 29 9.11 28.83 1.80
CA GLN E 29 9.60 28.65 3.15
C GLN E 29 10.95 27.93 3.14
N CYS E 30 11.14 26.94 2.24
CA CYS E 30 12.41 26.23 2.10
C CYS E 30 13.53 27.21 1.74
N LYS E 31 13.30 28.06 0.72
CA LYS E 31 14.23 29.12 0.31
C LYS E 31 14.57 30.07 1.47
N GLU E 32 13.59 30.43 2.32
CA GLU E 32 13.81 31.22 3.53
C GLU E 32 14.68 30.47 4.54
N ASP E 33 14.41 29.17 4.74
CA ASP E 33 15.20 28.31 5.61
C ASP E 33 16.67 28.24 5.14
N GLN E 34 16.92 28.25 3.81
CA GLN E 34 18.28 28.20 3.26
C GLN E 34 19.16 29.41 3.58
N LYS E 35 18.57 30.57 3.93
CA LYS E 35 19.33 31.76 4.40
C LYS E 35 19.53 31.79 5.92
N LYS E 36 18.79 31.03 6.73
CA LYS E 36 18.96 30.97 8.18
C LYS E 36 20.34 30.42 8.56
N SER E 37 20.90 30.95 9.67
CA SER E 37 22.31 30.76 10.01
C SER E 37 22.64 29.30 10.33
N GLU E 38 21.74 28.59 11.01
CA GLU E 38 21.85 27.15 11.25
C GLU E 38 21.97 26.29 9.99
N TRP E 39 21.45 26.72 8.82
CA TRP E 39 21.47 25.93 7.57
C TRP E 39 22.42 26.47 6.50
N LYS E 40 22.63 27.80 6.42
CA LYS E 40 23.10 28.46 5.21
C LYS E 40 24.49 27.98 4.76
N ASP E 41 25.39 27.59 5.68
CA ASP E 41 26.77 27.26 5.33
C ASP E 41 26.94 25.86 4.72
N SER E 42 25.92 24.97 4.77
CA SER E 42 26.10 23.55 4.44
C SER E 42 25.83 23.26 2.96
N ASP E 43 26.37 22.14 2.50
CA ASP E 43 26.03 21.55 1.21
C ASP E 43 24.60 20.99 1.15
N PHE E 44 23.98 20.62 2.30
CA PHE E 44 22.67 19.98 2.35
C PHE E 44 21.64 21.09 2.51
N LEU E 45 20.43 20.88 1.96
CA LEU E 45 19.29 21.77 2.19
C LEU E 45 18.84 21.69 3.65
N PRO E 46 18.08 22.68 4.18
CA PRO E 46 17.56 22.63 5.55
C PRO E 46 16.77 21.38 5.89
N ASN E 47 17.04 20.74 7.02
CA ASN E 47 16.22 19.68 7.59
C ASN E 47 14.99 20.28 8.29
N THR E 48 14.14 20.91 7.48
CA THR E 48 12.92 21.56 7.91
C THR E 48 11.74 20.87 7.24
N GLN E 49 10.55 21.08 7.85
CA GLN E 49 9.27 20.59 7.36
C GLN E 49 9.07 21.08 5.91
N ALA E 50 9.32 22.38 5.68
CA ALA E 50 9.09 23.00 4.38
C ALA E 50 9.91 22.32 3.29
N CYS E 51 11.23 22.21 3.48
CA CYS E 51 12.08 21.58 2.47
C CYS E 51 11.79 20.09 2.29
N TYR E 52 11.36 19.40 3.36
CA TYR E 52 11.13 17.96 3.32
C TYR E 52 9.87 17.64 2.50
N ILE E 53 8.75 18.31 2.82
CA ILE E 53 7.50 18.21 2.11
C ILE E 53 7.76 18.53 0.61
N GLY E 54 8.49 19.63 0.34
CA GLY E 54 8.85 20.03 -1.01
C GLY E 54 9.60 18.95 -1.77
N SER E 55 10.58 18.36 -1.10
CA SER E 55 11.30 17.22 -1.62
C SER E 55 10.37 16.05 -1.99
N ILE E 56 9.46 15.63 -1.09
CA ILE E 56 8.55 14.50 -1.33
C ILE E 56 7.64 14.78 -2.55
N LEU E 57 7.01 15.97 -2.57
CA LEU E 57 6.11 16.36 -3.63
C LEU E 57 6.79 16.31 -4.99
N LEU E 58 8.00 16.83 -5.07
CA LEU E 58 8.74 16.93 -6.31
C LEU E 58 9.20 15.56 -6.80
N THR E 59 9.54 14.60 -5.90
CA THR E 59 10.16 13.35 -6.29
C THR E 59 9.09 12.26 -6.57
N THR E 60 7.79 12.60 -6.48
CA THR E 60 6.69 11.69 -6.81
C THR E 60 6.57 11.52 -8.33
N ALA E 61 6.69 10.28 -8.86
CA ALA E 61 6.73 10.04 -10.30
C ALA E 61 5.31 10.05 -10.87
N ARG E 62 4.72 11.22 -11.00
CA ARG E 62 3.32 11.40 -11.40
C ARG E 62 3.07 11.15 -12.89
N LYS E 63 4.09 11.28 -13.76
CA LYS E 63 3.98 11.05 -15.19
C LYS E 63 4.26 9.57 -15.40
N THR E 64 3.23 8.79 -15.77
CA THR E 64 3.35 7.39 -16.17
C THR E 64 3.10 7.22 -17.66
N THR E 65 4.02 6.51 -18.36
CA THR E 65 3.92 6.07 -19.75
C THR E 65 4.03 4.54 -19.81
N TYR E 66 3.10 3.87 -20.52
CA TYR E 66 3.11 2.42 -20.74
C TYR E 66 3.62 2.13 -22.15
N SER E 67 4.38 1.03 -22.31
CA SER E 67 4.74 0.52 -23.65
C SER E 67 4.88 -1.02 -23.64
N SER F 4 -2.74 22.89 -5.77
CA SER F 4 -2.06 21.62 -6.14
C SER F 4 -1.91 20.68 -4.93
N VAL F 5 -1.47 19.44 -5.18
CA VAL F 5 -1.45 18.35 -4.20
C VAL F 5 -0.36 18.64 -3.15
N ASP F 6 -0.67 18.43 -1.86
CA ASP F 6 0.25 18.60 -0.72
C ASP F 6 0.51 17.34 0.10
N ASP F 7 -0.13 16.18 -0.17
CA ASP F 7 0.08 14.98 0.63
C ASP F 7 0.91 13.99 -0.19
N TYR F 8 1.69 13.17 0.52
CA TYR F 8 2.31 11.99 -0.06
C TYR F 8 1.22 11.05 -0.58
N ASN F 9 1.43 10.54 -1.82
CA ASN F 9 0.59 9.54 -2.44
C ASN F 9 1.47 8.31 -2.67
N PRO F 10 1.38 7.26 -1.83
CA PRO F 10 2.09 6.00 -2.11
C PRO F 10 1.61 5.20 -3.32
N ALA F 11 0.48 5.56 -3.98
CA ALA F 11 0.16 4.98 -5.27
C ALA F 11 1.22 5.25 -6.33
N PHE F 12 1.94 6.39 -6.22
CA PHE F 12 2.95 6.78 -7.18
C PHE F 12 4.30 6.35 -6.63
N ASP F 13 5.15 5.82 -7.51
CA ASP F 13 6.56 5.63 -7.20
C ASP F 13 7.21 6.99 -6.90
N ASN F 14 8.08 7.02 -5.89
CA ASN F 14 8.87 8.18 -5.56
C ASN F 14 10.34 7.83 -5.79
N THR F 15 11.07 8.71 -6.45
CA THR F 15 12.48 8.48 -6.77
C THR F 15 13.42 8.54 -5.55
N HIS F 16 13.04 9.26 -4.47
CA HIS F 16 13.90 9.49 -3.32
C HIS F 16 13.50 8.72 -2.08
N TYR F 17 12.21 8.34 -1.91
CA TYR F 17 11.65 7.84 -0.65
C TYR F 17 11.01 6.47 -0.84
N SER F 18 11.01 5.66 0.22
CA SER F 18 10.34 4.38 0.26
C SER F 18 8.91 4.53 0.75
N ARG F 19 8.05 3.59 0.34
CA ARG F 19 6.70 3.44 0.91
C ARG F 19 6.81 3.17 2.40
N PHE F 20 7.71 2.26 2.77
CA PHE F 20 7.88 1.86 4.17
C PHE F 20 8.18 3.07 5.06
N HIS F 21 9.19 3.90 4.71
CA HIS F 21 9.57 5.05 5.51
C HIS F 21 8.38 6.01 5.62
N LEU F 22 7.83 6.49 4.51
CA LEU F 22 6.82 7.55 4.55
C LEU F 22 5.51 7.07 5.15
N LEU F 23 5.13 5.81 4.96
CA LEU F 23 3.94 5.23 5.59
C LEU F 23 4.10 5.11 7.11
N ILE F 24 5.25 4.60 7.61
CA ILE F 24 5.45 4.51 9.06
C ILE F 24 5.53 5.90 9.69
N GLU F 25 6.06 6.87 8.92
CA GLU F 25 6.24 8.23 9.40
C GLU F 25 4.92 8.98 9.43
N THR F 26 4.16 8.98 8.33
CA THR F 26 2.88 9.69 8.25
C THR F 26 1.82 9.06 9.16
N ASN F 27 1.96 7.77 9.52
CA ASN F 27 1.07 7.14 10.48
C ASN F 27 1.59 7.20 11.92
N GLY F 28 2.61 8.02 12.25
CA GLY F 28 3.04 8.23 13.62
C GLY F 28 3.60 6.99 14.33
N ILE F 29 4.25 6.06 13.60
CA ILE F 29 4.94 4.92 14.18
C ILE F 29 6.35 5.37 14.59
N THR F 30 6.97 6.21 13.76
CA THR F 30 8.23 6.88 14.06
C THR F 30 7.92 8.30 14.50
N LYS F 31 8.87 8.91 15.22
CA LYS F 31 8.76 10.24 15.79
C LYS F 31 10.08 10.95 15.52
N PRO F 32 10.33 11.48 14.29
CA PRO F 32 11.56 12.20 14.00
C PRO F 32 11.74 13.48 14.81
N CYS F 33 12.97 13.69 15.31
CA CYS F 33 13.42 14.90 15.95
C CYS F 33 14.64 15.41 15.20
N ILE F 34 14.60 16.67 14.73
CA ILE F 34 15.73 17.33 14.08
C ILE F 34 16.41 18.25 15.09
N VAL F 35 17.73 18.11 15.26
CA VAL F 35 18.52 19.03 16.08
C VAL F 35 19.60 19.65 15.18
N SER F 36 19.53 20.99 15.05
CA SER F 36 20.56 21.83 14.45
C SER F 36 21.49 22.34 15.56
N THR F 37 22.47 23.18 15.16
CA THR F 37 23.31 23.93 16.09
C THR F 37 22.50 24.92 16.95
N GLU F 38 21.34 25.40 16.46
CA GLU F 38 20.56 26.46 17.10
C GLU F 38 19.18 26.02 17.62
N ASN F 39 18.57 24.93 17.10
CA ASN F 39 17.16 24.58 17.38
C ASN F 39 16.95 23.07 17.40
N VAL F 40 16.02 22.63 18.27
CA VAL F 40 15.49 21.27 18.28
C VAL F 40 14.06 21.37 17.74
N TYR F 41 13.75 20.62 16.65
CA TYR F 41 12.43 20.53 16.06
C TYR F 41 11.80 19.23 16.55
N THR F 42 10.89 19.34 17.54
CA THR F 42 10.36 18.18 18.24
C THR F 42 9.39 17.41 17.35
N PRO F 43 9.17 16.08 17.57
CA PRO F 43 8.05 15.36 16.94
C PRO F 43 6.65 15.80 17.37
N ASP F 44 6.52 16.51 18.51
CA ASP F 44 5.30 17.18 18.95
C ASP F 44 5.10 18.57 18.28
N ASN F 45 5.89 18.94 17.24
CA ASN F 45 5.64 20.04 16.32
C ASN F 45 6.09 21.38 16.94
N ALA F 46 7.15 21.40 17.78
CA ALA F 46 7.64 22.59 18.46
C ALA F 46 9.10 22.83 18.10
N THR F 47 9.46 24.11 17.86
CA THR F 47 10.84 24.57 17.67
C THR F 47 11.36 25.04 19.03
N VAL F 48 12.28 24.29 19.69
CA VAL F 48 12.87 24.70 20.98
C VAL F 48 14.32 25.18 20.69
N PRO F 49 14.62 26.51 20.82
CA PRO F 49 15.98 27.02 20.68
C PRO F 49 16.97 26.45 21.69
N HIS F 50 18.13 25.97 21.21
CA HIS F 50 19.27 25.62 22.05
C HIS F 50 20.55 25.87 21.25
N LYS F 51 21.33 26.90 21.65
CA LYS F 51 22.62 27.24 21.05
C LYS F 51 23.69 26.52 21.88
N GLN F 52 24.27 25.46 21.30
CA GLN F 52 24.94 24.42 22.08
C GLN F 52 26.38 24.82 22.39
N GLY F 53 26.94 24.35 23.52
CA GLY F 53 28.33 24.61 23.94
C GLY F 53 29.32 23.73 23.17
N SER F 54 30.30 23.11 23.86
CA SER F 54 30.71 21.74 23.54
C SER F 54 30.42 20.84 24.74
N ASP F 55 29.38 21.17 25.54
CA ASP F 55 28.74 20.24 26.45
C ASP F 55 27.76 19.37 25.64
N TYR F 56 27.84 18.02 25.78
CA TYR F 56 26.87 17.09 25.23
C TYR F 56 25.52 17.26 25.95
N VAL F 57 24.40 17.45 25.21
CA VAL F 57 23.09 17.76 25.78
C VAL F 57 22.12 16.64 25.40
N LEU F 58 21.32 16.15 26.37
CA LEU F 58 20.39 15.03 26.18
C LEU F 58 19.22 15.48 25.30
N VAL F 59 19.14 14.93 24.07
CA VAL F 59 18.08 15.23 23.11
C VAL F 59 17.01 14.15 23.15
N ALA F 60 17.39 12.88 23.30
CA ALA F 60 16.44 11.78 23.49
C ALA F 60 17.01 10.73 24.44
N GLY F 61 16.10 9.95 25.04
CA GLY F 61 16.50 8.78 25.81
C GLY F 61 15.34 8.18 26.56
N LEU F 62 15.49 6.91 26.98
CA LEU F 62 14.50 6.25 27.82
C LEU F 62 14.59 6.84 29.24
N ALA F 63 13.40 7.01 29.86
CA ALA F 63 13.26 7.53 31.22
C ALA F 63 13.71 6.50 32.26
N GLY F 64 14.90 6.71 32.87
CA GLY F 64 15.49 5.75 33.79
C GLY F 64 15.95 4.44 33.12
N ASP F 65 16.33 4.47 31.83
CA ASP F 65 17.24 3.47 31.27
C ASP F 65 18.05 4.14 30.14
N PRO F 66 18.92 5.15 30.46
CA PRO F 66 19.72 5.82 29.45
C PRO F 66 20.79 4.94 28.76
N ASN F 67 21.24 3.87 29.44
CA ASN F 67 22.11 2.86 28.82
C ASN F 67 21.43 2.12 27.66
N ARG F 68 20.11 1.82 27.80
CA ARG F 68 19.36 1.12 26.77
C ARG F 68 19.21 2.04 25.57
N PHE F 69 18.76 3.29 25.79
CA PHE F 69 18.74 4.28 24.70
C PHE F 69 18.90 5.69 25.26
N SER F 70 19.88 6.42 24.68
CA SER F 70 20.09 7.85 24.85
C SER F 70 20.78 8.46 23.63
N ALA F 71 20.52 9.76 23.40
CA ALA F 71 21.10 10.51 22.28
C ALA F 71 21.53 11.90 22.76
N TYR F 72 22.77 12.30 22.40
CA TYR F 72 23.36 13.55 22.84
C TYR F 72 23.94 14.25 21.61
N THR F 73 23.98 15.61 21.71
CA THR F 73 24.45 16.49 20.67
C THR F 73 25.39 17.54 21.29
N ARG F 74 26.47 17.80 20.54
CA ARG F 74 27.53 18.75 20.84
C ARG F 74 27.63 19.66 19.62
N SER F 75 28.12 20.89 19.87
CA SER F 75 28.64 21.76 18.83
C SER F 75 30.14 21.94 19.08
N GLN F 76 30.91 21.96 17.97
CA GLN F 76 32.37 21.96 17.99
C GLN F 76 32.92 23.33 17.57
N GLY F 77 32.45 23.84 16.42
CA GLY F 77 32.98 25.03 15.74
C GLY F 77 33.35 24.68 14.30
N GLY F 78 33.55 25.74 13.47
CA GLY F 78 33.87 25.62 12.06
C GLY F 78 32.70 25.10 11.21
N SER F 79 33.01 24.69 9.96
CA SER F 79 32.04 24.09 9.05
C SER F 79 31.85 22.61 9.44
N LYS F 80 30.64 22.07 9.20
CA LYS F 80 30.19 20.77 9.71
C LYS F 80 30.41 20.65 11.23
N PRO F 81 29.90 21.60 12.08
CA PRO F 81 30.25 21.66 13.50
C PRO F 81 29.55 20.70 14.49
N LEU F 82 28.55 19.94 14.03
CA LEU F 82 27.66 19.16 14.90
C LEU F 82 28.33 17.81 15.19
N VAL F 83 28.36 17.39 16.46
CA VAL F 83 28.92 16.14 16.93
C VAL F 83 27.80 15.42 17.69
N VAL F 84 27.67 14.08 17.50
CA VAL F 84 26.52 13.32 18.01
C VAL F 84 27.01 12.08 18.74
N LYS F 85 26.36 11.79 19.89
CA LYS F 85 26.58 10.57 20.65
C LYS F 85 25.24 9.84 20.72
N LEU F 86 25.21 8.55 20.29
CA LEU F 86 24.05 7.68 20.30
C LEU F 86 24.40 6.42 21.08
N VAL F 87 23.66 6.14 22.16
CA VAL F 87 23.90 4.97 23.01
C VAL F 87 22.73 4.03 22.73
N ASN F 88 23.03 2.78 22.27
CA ASN F 88 22.07 1.70 22.04
C ASN F 88 22.55 0.43 22.75
N ASP F 89 21.84 0.03 23.82
CA ASP F 89 22.11 -1.16 24.63
C ASP F 89 23.57 -1.16 25.09
N GLY F 90 23.99 -0.04 25.72
CA GLY F 90 25.34 0.13 26.24
C GLY F 90 26.46 0.19 25.20
N VAL F 91 26.14 0.34 23.90
CA VAL F 91 27.13 0.49 22.82
C VAL F 91 27.03 1.94 22.36
N THR F 92 28.13 2.70 22.50
CA THR F 92 28.20 4.13 22.19
C THR F 92 28.68 4.30 20.75
N LEU F 93 27.90 5.04 19.92
CA LEU F 93 28.32 5.51 18.60
C LEU F 93 28.59 7.01 18.72
N GLU F 94 29.76 7.46 18.24
CA GLU F 94 30.12 8.87 18.21
C GLU F 94 30.29 9.24 16.75
N LEU F 95 29.60 10.32 16.32
CA LEU F 95 29.65 10.82 14.96
C LEU F 95 30.25 12.23 14.96
N THR F 96 31.19 12.43 14.01
CA THR F 96 31.80 13.71 13.70
C THR F 96 31.93 13.84 12.17
N ARG F 97 32.26 15.06 11.71
CA ARG F 97 32.61 15.35 10.32
C ARG F 97 33.72 14.44 9.76
N ASP F 98 34.65 13.96 10.61
CA ASP F 98 35.78 13.14 10.19
C ASP F 98 35.46 11.65 10.00
N GLY F 99 34.29 11.17 10.47
CA GLY F 99 33.95 9.76 10.52
C GLY F 99 33.31 9.43 11.88
N ALA F 100 33.64 8.25 12.40
CA ALA F 100 32.80 7.61 13.39
C ALA F 100 33.61 6.60 14.20
N SER F 101 33.09 6.31 15.41
CA SER F 101 33.68 5.36 16.34
C SER F 101 32.58 4.65 17.14
N ILE F 102 32.90 3.41 17.57
CA ILE F 102 32.02 2.55 18.36
C ILE F 102 32.75 2.21 19.67
N ASN F 103 32.26 2.75 20.80
CA ASN F 103 32.79 2.65 22.16
C ASN F 103 34.10 3.42 22.41
N GLY F 104 34.65 4.18 21.46
CA GLY F 104 36.05 4.61 21.50
C GLY F 104 36.79 4.31 20.19
N LYS F 105 36.68 3.08 19.67
CA LYS F 105 37.51 2.62 18.55
C LYS F 105 36.91 3.13 17.24
N ALA F 106 37.72 3.86 16.46
CA ALA F 106 37.33 4.39 15.16
C ALA F 106 37.22 3.24 14.17
N VAL F 107 36.24 3.37 13.25
CA VAL F 107 35.81 2.30 12.35
C VAL F 107 35.64 2.89 10.95
N SER F 108 35.71 1.99 9.93
CA SER F 108 35.70 2.34 8.52
C SER F 108 34.25 2.51 8.07
N VAL F 109 33.65 3.63 8.48
CA VAL F 109 32.21 3.90 8.32
C VAL F 109 31.82 4.09 6.85
N GLU F 110 32.78 4.49 5.98
CA GLU F 110 32.56 4.56 4.53
C GLU F 110 32.32 3.18 3.88
N LYS F 111 32.71 2.05 4.50
CA LYS F 111 32.14 0.73 4.20
C LYS F 111 30.92 0.51 5.12
N GLY F 112 30.34 -0.68 5.20
CA GLY F 112 29.36 -0.95 6.26
C GLY F 112 30.05 -1.21 7.59
N VAL F 113 29.51 -0.74 8.74
CA VAL F 113 29.97 -1.24 10.05
C VAL F 113 28.78 -1.63 10.93
N GLN F 114 28.83 -2.84 11.53
CA GLN F 114 27.85 -3.39 12.44
C GLN F 114 28.54 -3.87 13.73
N TYR F 115 27.92 -3.59 14.89
CA TYR F 115 28.37 -4.10 16.18
C TYR F 115 27.20 -4.73 16.94
N PRO F 116 27.32 -5.94 17.55
CA PRO F 116 28.32 -6.95 17.18
C PRO F 116 28.28 -7.32 15.70
N GLN F 117 29.45 -7.48 15.09
CA GLN F 117 29.63 -7.75 13.66
C GLN F 117 28.91 -9.04 13.23
N ASP F 118 28.85 -10.07 14.10
CA ASP F 118 28.20 -11.33 13.81
C ASP F 118 26.72 -11.38 14.25
N ASP F 119 26.18 -10.40 15.01
CA ASP F 119 24.91 -10.57 15.71
C ASP F 119 23.79 -10.00 14.83
N PRO F 120 22.80 -10.82 14.35
CA PRO F 120 21.64 -10.28 13.63
C PRO F 120 20.78 -9.35 14.47
N ASN F 121 20.67 -9.55 15.80
CA ASN F 121 20.15 -8.55 16.72
C ASN F 121 21.25 -7.54 17.09
N TYR F 122 21.68 -6.74 16.12
CA TYR F 122 22.81 -5.84 16.29
C TYR F 122 22.37 -4.63 17.13
N ALA F 123 23.31 -4.14 17.96
CA ALA F 123 23.16 -2.91 18.72
C ALA F 123 23.22 -1.69 17.80
N ILE F 124 24.10 -1.71 16.79
CA ILE F 124 24.26 -0.56 15.92
C ILE F 124 24.78 -1.02 14.57
N ARG F 125 24.25 -0.40 13.50
CA ARG F 125 24.80 -0.35 12.17
C ARG F 125 24.97 1.12 11.79
N VAL F 126 26.00 1.40 10.98
CA VAL F 126 26.36 2.78 10.61
C VAL F 126 27.04 2.72 9.24
N TRP F 127 26.72 3.72 8.40
CA TRP F 127 27.22 3.82 7.02
C TRP F 127 27.32 5.30 6.60
N LYS F 128 28.32 5.61 5.76
CA LYS F 128 28.65 6.98 5.37
C LYS F 128 28.88 7.03 3.85
N SER F 129 28.33 8.08 3.23
CA SER F 129 28.53 8.41 1.82
C SER F 129 28.54 9.92 1.70
N GLY F 130 29.66 10.49 1.17
CA GLY F 130 29.96 11.90 1.29
C GLY F 130 29.87 12.30 2.76
N ASP F 131 29.05 13.33 3.06
CA ASP F 131 28.83 13.78 4.43
C ASP F 131 27.56 13.19 5.08
N LEU F 132 26.79 12.33 4.37
CA LEU F 132 25.64 11.63 4.95
C LEU F 132 26.16 10.50 5.82
N VAL F 133 25.67 10.42 7.07
CA VAL F 133 25.81 9.22 7.90
C VAL F 133 24.41 8.73 8.25
N MET F 134 24.17 7.43 8.07
CA MET F 134 22.96 6.78 8.56
C MET F 134 23.33 5.82 9.69
N ALA F 135 22.41 5.65 10.65
CA ALA F 135 22.59 4.70 11.73
C ALA F 135 21.25 4.08 12.12
N TYR F 136 21.26 2.78 12.45
CA TYR F 136 20.09 2.10 12.98
C TYR F 136 20.50 1.06 14.02
N SER F 137 19.62 0.86 15.01
CA SER F 137 19.78 -0.17 16.03
C SER F 137 18.58 -1.10 15.96
N ARG F 138 18.80 -2.38 15.68
CA ARG F 138 17.77 -3.40 15.82
C ARG F 138 17.32 -3.59 17.28
N ARG F 139 18.18 -3.34 18.28
CA ARG F 139 17.80 -3.51 19.67
C ARG F 139 16.77 -2.47 20.10
N THR F 140 17.03 -1.19 19.84
CA THR F 140 16.18 -0.08 20.28
C THR F 140 15.15 0.32 19.23
N ALA F 141 15.38 -0.03 17.95
CA ALA F 141 14.66 0.49 16.78
C ALA F 141 14.77 2.02 16.60
N VAL F 142 15.82 2.65 17.14
CA VAL F 142 16.10 4.07 16.91
C VAL F 142 16.90 4.15 15.60
N TYR F 143 16.37 4.95 14.69
CA TYR F 143 17.08 5.36 13.48
C TYR F 143 17.59 6.79 13.69
N ALA F 144 18.72 7.07 13.06
CA ALA F 144 19.18 8.43 12.95
C ALA F 144 19.93 8.62 11.64
N TYR F 145 19.96 9.88 11.17
CA TYR F 145 20.94 10.26 10.16
C TYR F 145 21.49 11.67 10.42
N TYR F 146 22.65 11.91 9.83
CA TYR F 146 23.54 13.01 10.21
C TYR F 146 24.21 13.61 8.97
N THR F 147 24.30 14.95 8.93
CA THR F 147 24.90 15.71 7.82
C THR F 147 26.20 16.43 8.20
N GLY F 148 26.55 16.54 9.49
CA GLY F 148 27.54 17.51 9.97
C GLY F 148 26.92 18.82 10.47
N THR F 149 25.82 19.28 9.84
CA THR F 149 25.10 20.49 10.23
C THR F 149 23.92 20.14 11.16
N ALA F 150 23.30 18.97 10.96
CA ALA F 150 22.21 18.51 11.80
C ALA F 150 22.16 17.00 11.87
N VAL F 151 21.35 16.53 12.84
CA VAL F 151 21.04 15.13 12.99
C VAL F 151 19.53 15.01 13.14
N ASP F 152 19.00 13.94 12.52
CA ASP F 152 17.65 13.44 12.71
C ASP F 152 17.76 12.26 13.65
N VAL F 153 17.06 12.28 14.79
CA VAL F 153 16.95 11.13 15.69
C VAL F 153 15.47 10.74 15.66
N GLU F 154 15.20 9.48 15.26
CA GLU F 154 13.84 8.99 15.09
C GLU F 154 13.63 7.87 16.08
N GLN F 155 12.68 8.07 16.99
CA GLN F 155 12.31 7.09 18.01
C GLN F 155 11.03 6.37 17.58
N PRO F 156 10.85 5.09 17.95
CA PRO F 156 9.58 4.41 17.74
C PRO F 156 8.52 4.89 18.72
N VAL F 157 7.25 4.89 18.29
CA VAL F 157 6.15 5.41 19.10
C VAL F 157 5.95 4.59 20.39
N THR F 158 6.40 3.33 20.41
CA THR F 158 6.48 2.45 21.57
C THR F 158 7.23 3.06 22.76
N TYR F 159 8.09 4.09 22.57
CA TYR F 159 8.67 4.88 23.66
C TYR F 159 7.72 5.94 24.28
N ARG F 160 6.47 6.14 23.79
CA ARG F 160 5.49 7.07 24.38
C ARG F 160 5.26 6.75 25.87
N GLY F 161 5.39 7.77 26.74
CA GLY F 161 5.32 7.63 28.19
C GLY F 161 6.65 7.32 28.89
N ARG F 162 7.74 7.06 28.12
CA ARG F 162 9.10 6.82 28.58
C ARG F 162 10.12 7.77 27.94
N ALA F 163 9.68 8.84 27.24
CA ALA F 163 10.53 9.69 26.43
C ALA F 163 11.18 10.74 27.33
N THR F 164 12.49 11.00 27.18
CA THR F 164 13.23 12.01 27.92
C THR F 164 13.99 12.90 26.93
N GLY F 165 14.60 13.98 27.39
CA GLY F 165 15.46 14.83 26.58
C GLY F 165 14.69 15.96 25.90
N LEU F 166 15.44 16.84 25.21
CA LEU F 166 14.89 18.03 24.54
C LEU F 166 13.87 17.72 23.44
N CYS F 167 13.92 16.55 22.79
CA CYS F 167 12.92 16.15 21.79
C CYS F 167 11.52 15.93 22.41
N GLY F 168 11.44 15.61 23.72
CA GLY F 168 10.24 15.85 24.51
C GLY F 168 9.18 14.79 24.27
N ASN F 169 7.90 15.21 24.34
CA ASN F 169 6.73 14.33 24.23
C ASN F 169 6.69 13.61 22.88
N LEU F 170 6.17 12.37 22.90
CA LEU F 170 5.74 11.63 21.73
C LEU F 170 4.20 11.67 21.73
N ASN F 171 3.58 12.46 20.84
CA ASN F 171 2.13 12.55 20.67
C ASN F 171 1.78 12.74 19.19
C1 LUT G . -1.09 2.48 13.15
C2 LUT G . -0.31 3.56 13.94
C3 LUT G . -1.10 4.53 14.79
C4 LUT G . -2.53 4.67 14.35
C5 LUT G . -3.19 3.32 14.26
C6 LUT G . -2.58 2.33 13.53
C7 LUT G . -3.37 1.15 13.11
C8 LUT G . -3.27 0.30 12.02
C9 LUT G . -4.23 -0.67 11.65
C10 LUT G . -3.86 -1.70 10.72
C11 LUT G . -4.65 -2.64 10.10
C12 LUT G . -4.31 -3.85 9.47
C13 LUT G . -5.13 -4.93 9.06
C14 LUT G . -4.65 -5.85 8.11
C15 LUT G . -5.26 -6.91 7.46
C16 LUT G . -0.33 1.15 13.39
C17 LUT G . -0.98 2.86 11.65
C18 LUT G . -4.56 3.26 14.89
C19 LUT G . -5.67 -0.71 12.17
C20 LUT G . -6.45 -5.19 9.75
O3 LUT G . -0.43 5.78 14.74
C21 LUT G . -9.06 -17.11 0.76
C22 LUT G . -10.33 -17.74 0.15
C23 LUT G . -10.36 -17.72 -1.38
C24 LUT G . -9.77 -16.47 -1.99
C25 LUT G . -9.19 -15.49 -1.28
C26 LUT G . -8.91 -15.65 0.21
C27 LUT G . -7.59 -15.03 0.58
C28 LUT G . -7.39 -13.97 1.37
C29 LUT G . -6.21 -13.38 1.84
C30 LUT G . -6.33 -12.33 2.78
C31 LUT G . -5.40 -11.45 3.27
C32 LUT G . -5.58 -10.56 4.32
C33 LUT G . -4.66 -9.67 4.96
C34 LUT G . -5.19 -8.75 5.90
C35 LUT G . -4.65 -7.71 6.53
C36 LUT G . -7.87 -18.02 0.42
C37 LUT G . -9.16 -17.08 2.29
C38 LUT G . -8.84 -14.15 -1.89
C39 LUT G . -4.82 -13.88 1.44
C40 LUT G . -3.16 -9.77 4.72
O23 LUT G . -11.73 -17.87 -1.87
N1 AZI H . -18.17 9.67 15.98
N2 AZI H . -17.83 10.72 15.67
N3 AZI H . -17.50 11.77 15.32
N1 AZI I . -20.40 9.40 -19.63
N2 AZI I . -20.41 10.41 -19.06
N3 AZI I . -20.37 11.43 -18.50
C1 PLC J . -8.88 -3.70 3.95
C2 PLC J . -7.84 -4.24 4.92
C3 PLC J . -7.82 -3.75 6.36
C4 PLC J . -11.86 -1.41 2.90
C5 PLC J . -13.01 -1.51 1.93
C6 PLC J . -15.35 -1.19 1.24
C7 PLC J . -14.27 0.52 2.57
C8 PLC J . -14.84 -1.59 3.58
C' PLC J . -7.63 -6.54 4.01
C1' PLC J . -8.05 -7.92 3.59
C2' PLC J . -7.64 -8.44 2.18
C3' PLC J . -6.98 -7.51 1.16
C4' PLC J . -5.48 -7.48 1.19
C5' PLC J . -4.90 -6.10 1.09
C6' PLC J . -4.21 -5.80 -0.22
C7' PLC J . -4.22 -4.35 -0.63
C8' PLC J . -3.46 -4.01 -1.88
C9' PLC J . -2.92 -5.19 -2.65
CA' PLC J . -2.15 -4.76 -3.86
CB' PLC J . -2.88 -4.88 -5.18
CB PLC J . -5.76 -2.45 6.23
C1B PLC J . -5.49 -1.02 5.98
C2B PLC J . -4.12 -0.70 5.53
C3B PLC J . -3.70 0.70 5.95
C4B PLC J . -3.47 0.84 7.43
C5B PLC J . -2.12 1.42 7.80
C6B PLC J . -0.95 0.61 7.33
C7B PLC J . 0.19 1.43 6.82
C8B PLC J . 1.33 1.60 7.81
C9B PLC J . 1.59 0.37 8.65
CAA PLC J . 0.60 -0.76 8.38
CBA PLC J . 0.28 -1.55 9.62
O' PLC J . -6.53 -6.30 3.70
OB PLC J . -4.96 -3.34 6.20
O2 PLC J . -8.26 -5.68 4.87
O3 PLC J . -7.01 -2.59 6.64
O1P PLC J . -8.31 -1.87 1.49
O2P PLC J . -9.19 -0.06 3.17
O3P PLC J . -9.16 -2.29 3.99
O4P PLC J . -10.71 -1.82 2.12
N PLC J . -14.37 -0.95 2.35
P PLC J . -9.26 -1.45 2.62
C1 A1L6M K . -15.07 2.20 -15.28
C2 A1L6M K . -15.10 2.26 -13.77
C3 A1L6M K . -16.47 2.22 -13.13
C4 A1L6M K . -17.55 3.00 -13.40
C5 A1L6M K . -17.71 4.15 -14.37
C6 A1L6M K . -18.58 2.63 -12.49
O1 A1L6M K . -19.79 3.05 -12.37
N1 A1L6M K . -18.14 1.62 -11.70
C7 A1L6M K . -16.83 1.33 -12.04
C8 A1L6M K . -16.14 0.32 -11.37
C9 A1L6M K . -16.28 -0.35 -10.14
C10 A1L6M K . -16.96 0.04 -8.91
C11 A1L6M K . -17.68 1.31 -8.60
C12 A1L6M K . -16.82 -0.96 -7.98
C13 A1L6M K . -17.39 -1.00 -6.58
C14 A1L6M K . -18.79 -1.58 -6.60
C15 A1L6M K . -19.58 -1.64 -5.30
O2 A1L6M K . -20.77 -1.59 -5.38
O3 A1L6M K . -19.00 -1.78 -4.22
C16 A1L6M K . -16.07 -2.03 -8.63
N2 A1L6M K . -15.73 -1.58 -9.90
C17 A1L6M K . -15.74 -3.19 -7.95
C18 A1L6M K . -14.98 -4.35 -8.14
N3 A1L6M K . -14.21 -4.66 -9.25
C19 A1L6M K . -13.66 -5.88 -9.03
C20 A1L6M K . -12.86 -6.48 -10.02
C21 A1L6M K . -11.91 -7.49 -10.04
N4 A1L6M K . -11.34 -8.04 -8.93
C22 A1L6M K . -10.38 -8.93 -9.32
O4 A1L6M K . -9.72 -9.58 -8.43
C23 A1L6M K . -10.33 -9.01 -10.71
C24 A1L6M K . -9.35 -9.93 -11.39
O5 A1L6M K . -9.58 -10.08 -12.80
C25 A1L6M K . -7.93 -9.40 -11.20
C26 A1L6M K . -6.83 -10.21 -11.92
C27 A1L6M K . -6.75 -11.66 -11.54
C28 A1L6M K . -6.37 -12.75 -12.25
C29 A1L6M K . -5.94 -12.72 -13.71
C30 A1L6M K . -6.31 -14.14 -11.64
C31 A1L6M K . -6.42 -14.43 -10.15
C32 A1L6M K . -6.20 -15.91 -9.86
C33 A1L6M K . -5.05 -16.61 -9.80
C34 A1L6M K . -4.97 -18.12 -9.73
C35 A1L6M K . -3.72 -15.91 -9.79
C36 A1L6M K . -3.46 -15.32 -8.41
C37 A1L6M K . -2.14 -14.59 -8.26
C38 A1L6M K . -1.69 -13.77 -7.31
C39 A1L6M K . -2.51 -13.29 -6.13
C40 A1L6M K . -0.27 -13.23 -7.27
C41 A1L6M K . -11.27 -8.11 -11.19
C42 A1L6M K . -11.63 -7.88 -12.64
C43 A1L6M K . -14.05 -6.31 -7.76
C44 A1L6M K . -13.77 -7.64 -7.12
O6 A1L6M K . -12.63 -7.66 -6.29
C45 A1L6M K . -14.89 -5.36 -7.19
C46 A1L6M K . -15.59 -5.35 -5.86
C47 A1L6M K . -15.17 -4.38 -4.75
C48 A1L6M K . -13.81 -4.66 -4.09
O7 A1L6M K . -13.19 -5.73 -4.37
O8 A1L6M K . -13.38 -3.87 -3.26
C1 PLC L . -6.71 -15.32 -6.27
C2 PLC L . -5.79 -15.28 -5.05
C3 PLC L . -5.71 -13.95 -4.31
C4 PLC L . -11.33 -13.75 -5.19
C5 PLC L . -11.65 -12.53 -4.35
C6 PLC L . -11.14 -10.84 -6.13
C7 PLC L . -12.04 -10.16 -3.97
C8 PLC L . -13.41 -11.31 -5.57
C' PLC L . -6.06 -17.57 -4.39
C1' PLC L . -5.47 -17.84 -5.75
C2' PLC L . -4.56 -19.04 -5.78
C3' PLC L . -3.07 -18.65 -5.80
C4' PLC L . -2.35 -18.80 -4.49
C5' PLC L . -1.52 -17.60 -4.01
C6' PLC L . -0.12 -17.95 -3.48
C7' PLC L . 0.87 -16.80 -3.35
C8' PLC L . 1.34 -16.43 -1.95
C9' PLC L . 2.39 -15.30 -1.92
CA' PLC L . 3.20 -15.17 -0.64
CB' PLC L . 4.30 -14.12 -0.70
CB PLC L . -6.50 -11.80 -4.87
C1B PLC L . -6.53 -11.52 -3.38
C2B PLC L . -7.53 -10.43 -3.04
C3B PLC L . -7.93 -10.40 -1.58
C4B PLC L . -6.79 -10.35 -0.61
C5B PLC L . -5.71 -9.36 -0.96
C6B PLC L . -4.36 -10.00 -1.14
C7B PLC L . -3.28 -9.48 -0.24
C8B PLC L . -1.92 -10.11 -0.45
C9B PLC L . -1.12 -10.30 0.83
CAA PLC L . -0.57 -9.04 1.42
CBA PLC L . -1.39 -7.83 1.09
O' PLC L . -6.36 -18.47 -3.64
OB PLC L . -7.14 -11.15 -5.61
O2 PLC L . -6.24 -16.27 -4.09
O3 PLC L . -5.82 -12.87 -5.25
O1P PLC L . -9.62 -16.03 -5.70
O2P PLC L . -9.77 -14.89 -8.04
O3P PLC L . -7.83 -14.36 -6.35
O4P PLC L . -10.19 -13.59 -6.08
N PLC L . -12.05 -11.22 -5.03
P PLC L . -9.35 -14.85 -6.59
N1 AZI M . -33.55 -15.11 -8.27
N2 AZI M . -34.02 -14.65 -7.32
N3 AZI M . -34.45 -14.20 -6.35
C1 LUT N . 1.79 -3.53 -12.55
C2 LUT N . 0.69 -3.38 -13.64
C3 LUT N . 1.05 -2.73 -14.96
C4 LUT N . 2.39 -2.02 -15.04
C5 LUT N . 3.50 -2.68 -14.27
C6 LUT N . 3.24 -3.22 -13.03
C7 LUT N . 4.40 -3.58 -12.20
C8 LUT N . 4.55 -3.79 -10.89
C9 LUT N . 5.82 -3.96 -10.28
C10 LUT N . 5.87 -4.45 -8.96
C11 LUT N . 6.94 -4.65 -8.13
C12 LUT N . 7.02 -5.42 -7.00
C13 LUT N . 8.17 -5.73 -6.22
C14 LUT N . 7.99 -6.25 -4.92
C15 LUT N . 8.91 -6.46 -3.90
C16 LUT N . 1.70 -4.98 -12.03
C17 LUT N . 1.39 -2.60 -11.37
C18 LUT N . 4.85 -2.51 -14.93
C19 LUT N . 7.16 -3.69 -10.96
C20 LUT N . 9.55 -5.67 -6.85
O3 LUT N . 0.04 -1.83 -15.38
C21 LUT N . 15.94 -9.62 6.71
C22 LUT N . 17.23 -9.14 7.40
C23 LUT N . 17.00 -8.35 8.70
C24 LUT N . 15.81 -7.42 8.61
C25 LUT N . 14.82 -7.50 7.71
C26 LUT N . 14.97 -8.39 6.47
C27 LUT N . 13.67 -8.81 5.84
C28 LUT N . 13.20 -8.45 4.62
C29 LUT N . 11.95 -8.67 3.95
C30 LUT N . 11.76 -8.09 2.67
C31 LUT N . 10.68 -8.15 1.80
C32 LUT N . 10.54 -7.61 0.56
C33 LUT N . 9.41 -7.61 -0.33
C34 LUT N . 9.55 -7.07 -1.60
C35 LUT N . 8.65 -6.97 -2.67
C36 LUT N . 15.29 -10.71 7.56
C37 LUT N . 16.33 -10.26 5.37
C38 LUT N . 13.62 -6.60 7.79
C39 LUT N . 10.84 -9.57 4.50
C40 LUT N . 8.07 -8.21 0.09
O23 LUT N . 18.17 -7.57 9.06
C1 PLC O . 10.27 -0.89 -2.29
C2 PLC O . 10.28 -2.16 -3.10
C3 PLC O . 10.77 -3.37 -2.35
C4 PLC O . 11.99 2.66 -3.15
C5 PLC O . 12.92 3.51 -2.34
C6 PLC O . 14.83 3.56 -3.99
C7 PLC O . 14.78 5.07 -2.11
C8 PLC O . 13.17 5.36 -3.93
C' PLC O . 8.68 -2.32 -4.94
C1' PLC O . 7.21 -2.51 -5.34
C2' PLC O . 6.22 -1.43 -4.95
C3' PLC O . 4.83 -1.65 -5.61
C4' PLC O . 3.94 -0.41 -5.84
C5' PLC O . 2.45 -0.68 -6.11
C6' PLC O . 1.45 0.26 -5.39
C7' PLC O . 1.07 -0.09 -3.90
C8' PLC O . 1.43 1.01 -2.88
C9' PLC O . 1.02 0.78 -1.43
CA' PLC O . -0.16 1.60 -0.94
CB' PLC O . -0.34 1.57 0.56
CB PLC O . 10.73 -4.02 -0.08
C1B PLC O . 10.00 -3.83 1.25
C2B PLC O . 8.48 -3.93 1.17
C3B PLC O . 7.78 -2.71 1.78
C4B PLC O . 6.47 -2.30 1.10
C5B PLC O . 5.27 -2.20 2.04
C6B PLC O . 5.59 -1.77 3.46
C7B PLC O . 4.58 -0.85 4.10
C8B PLC O . 4.31 -1.15 5.55
C9B PLC O . 3.67 -2.51 5.78
CAA PLC O . 4.62 -3.64 6.07
CBA PLC O . 4.74 -3.94 7.52
O' PLC O . 9.56 -2.24 -5.78
OB PLC O . 11.68 -4.69 -0.28
O2 PLC O . 8.93 -2.38 -3.63
O3 PLC O . 10.20 -3.29 -1.03
O1P PLC O . 8.93 1.47 -1.44
O2P PLC O . 9.07 2.44 -3.88
O3P PLC O . 10.14 0.16 -3.24
O4P PLC O . 11.07 2.06 -2.27
N PLC O . 13.92 4.37 -3.11
P PLC O . 9.62 1.58 -2.76
N1 AZI P . 24.94 6.07 -2.20
N2 AZI P . 24.72 6.09 -3.34
N3 AZI P . 24.44 6.10 -4.46
N1 AZI Q . 6.23 16.48 -18.45
N2 AZI Q . 5.17 16.52 -18.00
N3 AZI Q . 4.10 16.55 -17.62
N1 AZI R . 11.67 19.74 11.51
N2 AZI R . 10.79 19.05 11.78
N3 AZI R . 9.89 18.39 12.04
C1 PLC S . 11.62 -4.77 11.11
C2 PLC S . 10.70 -5.93 11.49
C3 PLC S . 9.47 -5.52 12.27
C4 PLC S . 13.92 -1.94 10.38
C5 PLC S . 14.08 -1.37 8.98
C6 PLC S . 16.13 0.05 9.21
C7 PLC S . 15.38 -0.70 7.04
C8 PLC S . 16.36 -2.29 8.57
C' PLC S . 10.23 -8.01 10.41
C1' PLC S . 10.39 -8.49 11.83
C2' PLC S . 10.70 -9.96 11.94
C3' PLC S . 9.86 -10.71 12.97
C4' PLC S . 8.38 -10.86 12.65
C5' PLC S . 8.06 -11.58 11.36
C6' PLC S . 6.60 -12.11 11.18
C7' PLC S . 5.68 -11.34 10.26
C8' PLC S . 4.49 -12.12 9.70
C9' PLC S . 3.72 -11.37 8.62
CA' PLC S . 2.35 -11.92 8.26
CB' PLC S . 1.38 -10.93 7.62
CB PLC S . 9.21 -3.48 11.10
C1B PLC S . 8.21 -2.38 10.92
C2B PLC S . 7.53 -1.94 12.17
C3B PLC S . 6.06 -1.63 11.93
C4B PLC S . 5.65 -1.77 10.50
C5B PLC S . 4.17 -1.81 10.30
C6B PLC S . 3.66 -3.14 9.80
C7B PLC S . 2.17 -3.18 9.56
C8B PLC S . 1.46 -4.39 10.13
C9B PLC S . 0.31 -4.88 9.31
CAA PLC S . -0.21 -3.87 8.34
CBA PLC S . 0.35 -4.07 6.95
O' PLC S . 10.08 -8.70 9.43
OB PLC S . 10.37 -3.40 10.81
O2 PLC S . 10.31 -6.66 10.30
O3 PLC S . 8.63 -4.58 11.54
O1P PLC S . 15.11 -5.34 11.43
O2P PLC S . 14.32 -3.33 12.96
O3P PLC S . 12.70 -4.69 12.10
O4P PLC S . 14.12 -3.38 10.36
N PLC S . 15.49 -1.08 8.46
P PLC S . 14.19 -4.19 11.74
C1 A1L6M T . 10.43 15.48 10.62
C2 A1L6M T . 10.90 14.56 9.48
C3 A1L6M T . 12.15 14.97 8.72
C4 A1L6M T . 12.61 16.26 8.42
C5 A1L6M T . 12.08 17.62 8.78
C6 A1L6M T . 13.78 16.08 7.64
O1 A1L6M T . 14.54 16.96 7.16
N1 A1L6M T . 14.03 14.77 7.45
C7 A1L6M T . 13.04 14.03 8.05
C8 A1L6M T . 13.03 12.63 7.96
C9 A1L6M T . 13.63 11.58 7.21
C10 A1L6M T . 14.30 11.63 5.94
C11 A1L6M T . 14.44 12.80 4.99
C12 A1L6M T . 14.77 10.38 5.65
C13 A1L6M T . 15.50 9.96 4.40
C14 A1L6M T . 17.00 9.87 4.60
C15 A1L6M T . 17.76 9.71 3.29
O2 A1L6M T . 18.67 10.52 3.07
O3 A1L6M T . 17.47 8.77 2.55
C16 A1L6M T . 14.45 9.51 6.76
N2 A1L6M T . 13.77 10.29 7.67
C17 A1L6M T . 14.73 8.13 6.70
C18 A1L6M T . 14.51 6.95 7.45
N3 A1L6M T . 13.84 6.89 8.61
C19 A1L6M T . 13.91 5.56 9.05
C20 A1L6M T . 13.32 5.24 10.26
C21 A1L6M T . 12.85 4.09 10.89
N4 A1L6M T . 12.67 2.89 10.25
C22 A1L6M T . 12.17 1.97 11.12
O4 A1L6M T . 11.92 0.79 10.75
C23 A1L6M T . 12.02 2.58 12.38
C24 A1L6M T . 11.47 1.73 13.50
O5 A1L6M T . 11.65 2.41 14.75
C25 A1L6M T . 10.00 1.39 13.25
C26 A1L6M T . 9.21 0.73 14.38
C27 A1L6M T . 9.61 -0.67 14.76
C28 A1L6M T . 9.27 -1.39 15.84
C29 A1L6M T . 8.56 -0.86 17.07
C30 A1L6M T . 9.54 -2.89 15.89
C31 A1L6M T . 10.61 -3.39 16.86
C32 A1L6M T . 11.07 -4.73 16.37
C33 A1L6M T . 10.53 -5.95 16.51
C34 A1L6M T . 9.44 -6.31 17.50
C35 A1L6M T . 10.99 -7.07 15.59
C36 A1L6M T . 12.50 -7.35 15.54
C37 A1L6M T . 12.78 -8.71 14.98
C38 A1L6M T . 12.66 -9.92 15.54
C39 A1L6M T . 12.27 -10.20 16.98
C40 A1L6M T . 12.88 -11.19 14.76
C41 A1L6M T . 12.40 3.93 12.25
C42 A1L6M T . 12.50 4.95 13.36
C43 A1L6M T . 14.61 4.82 8.12
C44 A1L6M T . 15.01 3.38 8.21
O6 A1L6M T . 14.01 2.45 7.83
C45 A1L6M T . 15.00 5.69 7.16
C46 A1L6M T . 15.79 5.38 5.92
C47 A1L6M T . 14.97 5.38 4.62
C48 A1L6M T . 14.05 4.20 4.32
O7 A1L6M T . 13.54 4.31 3.20
O8 A1L6M T . 13.83 3.26 5.15
#